data_5HOE
#
_entry.id   5HOE
#
_cell.length_a   129.089
_cell.length_b   88.626
_cell.length_c   86.148
_cell.angle_alpha   90.00
_cell.angle_beta   114.30
_cell.angle_gamma   90.00
#
_symmetry.space_group_name_H-M   'C 1 2 1'
#
loop_
_entity.id
_entity.type
_entity.pdbx_description
1 polymer Hydrolase
2 non-polymer 'PHOSPHATE ION'
3 non-polymer 'HEXAETHYLENE GLYCOL'
4 water water
#
_entity_poly.entity_id   1
_entity_poly.type   'polypeptide(L)'
_entity_poly.pdbx_seq_one_letter_code
;MRGSHHHHHHGSMVEKRSVLCFGDSLTWGWIPVKESSPTLRYPYEQRWTGAMAARLGDGYHIIEEGLSARTTSLDDPNDA
RLNGSTYLPMALASHLPLDLVIIMLGTNDTKSYFHRTPYEIANGMGKLVGQVLTCAGGVGTPYPAPKVLVVAPPPLAPMP
DPWFEGMFGGGYEKSKELSGLYKALADFMKVEFFAAGDCISTDGIDGIHLSAETNIRLGHAIADKVAALF
;
_entity_poly.pdbx_strand_id   A,B,C,D
#
# COMPACT_ATOMS: atom_id res chain seq x y z
N LYS A 16 18.59 -2.46 -22.03
CA LYS A 16 17.29 -2.07 -22.54
C LYS A 16 16.49 -1.39 -21.45
N ARG A 17 15.58 -0.49 -21.82
CA ARG A 17 14.72 0.13 -20.82
C ARG A 17 13.27 -0.07 -21.18
N SER A 18 12.46 -0.28 -20.15
CA SER A 18 11.07 -0.64 -20.28
C SER A 18 10.19 0.53 -19.89
N VAL A 19 9.16 0.74 -20.70
CA VAL A 19 8.24 1.85 -20.55
C VAL A 19 6.81 1.31 -20.58
N LEU A 20 6.08 1.51 -19.48
CA LEU A 20 4.69 1.09 -19.37
C LEU A 20 3.77 2.25 -19.75
N CYS A 21 2.86 2.00 -20.68
CA CYS A 21 1.93 3.02 -21.16
C CYS A 21 0.52 2.74 -20.61
N PHE A 22 0.11 3.50 -19.61
CA PHE A 22 -1.15 3.25 -18.89
C PHE A 22 -2.21 4.28 -19.31
N GLY A 23 -3.31 3.81 -19.92
CA GLY A 23 -4.28 4.74 -20.46
C GLY A 23 -5.66 4.16 -20.68
N ASP A 24 -6.46 4.93 -21.42
CA ASP A 24 -7.85 4.63 -21.77
C ASP A 24 -7.95 4.31 -23.26
N SER A 25 -9.11 4.60 -23.90
CA SER A 25 -9.26 4.31 -25.32
CA SER A 25 -9.27 4.32 -25.33
C SER A 25 -8.25 5.04 -26.18
N LEU A 26 -7.76 6.20 -25.75
CA LEU A 26 -6.77 6.90 -26.55
C LEU A 26 -5.48 6.09 -26.64
N THR A 27 -5.20 5.26 -25.64
CA THR A 27 -4.03 4.40 -25.61
C THR A 27 -4.32 3.02 -26.19
N TRP A 28 -5.47 2.44 -25.86
CA TRP A 28 -5.91 1.20 -26.50
C TRP A 28 -5.97 1.35 -28.02
N GLY A 29 -6.48 2.49 -28.50
CA GLY A 29 -6.49 2.77 -29.92
C GLY A 29 -7.87 2.62 -30.53
N TRP A 30 -8.86 3.28 -29.94
CA TRP A 30 -10.23 3.28 -30.43
C TRP A 30 -10.32 4.07 -31.74
N ILE A 31 -10.80 3.42 -32.79
CA ILE A 31 -10.96 4.10 -34.08
C ILE A 31 -12.28 4.86 -34.07
N PRO A 32 -12.29 6.18 -34.24
CA PRO A 32 -13.57 6.88 -34.25
C PRO A 32 -14.39 6.50 -35.47
N VAL A 33 -15.70 6.30 -35.28
CA VAL A 33 -16.57 5.83 -36.36
C VAL A 33 -17.94 6.50 -36.30
N LYS A 34 -18.56 6.63 -37.49
CA LYS A 34 -19.80 7.38 -37.60
C LYS A 34 -20.93 6.79 -36.76
N GLU A 35 -20.97 5.46 -36.61
CA GLU A 35 -21.99 4.79 -35.81
C GLU A 35 -21.70 4.87 -34.31
N SER A 36 -20.61 5.53 -33.92
CA SER A 36 -20.21 5.74 -32.53
C SER A 36 -19.62 4.51 -31.88
N SER A 37 -20.35 3.40 -31.90
CA SER A 37 -19.97 2.19 -31.16
C SER A 37 -20.82 1.04 -31.68
N PRO A 38 -20.26 -0.17 -31.75
CA PRO A 38 -18.89 -0.58 -31.40
C PRO A 38 -17.88 -0.19 -32.46
N THR A 39 -16.59 -0.44 -32.19
CA THR A 39 -15.54 -0.11 -33.14
C THR A 39 -14.36 -1.07 -33.01
N LEU A 40 -13.42 -0.93 -33.95
CA LEU A 40 -12.23 -1.74 -34.02
C LEU A 40 -11.04 -0.97 -33.46
N ARG A 41 -9.92 -1.69 -33.30
CA ARG A 41 -8.68 -1.17 -32.74
C ARG A 41 -7.71 -0.80 -33.84
N TYR A 42 -7.04 0.33 -33.68
CA TYR A 42 -5.96 0.67 -34.61
C TYR A 42 -4.87 -0.40 -34.53
N PRO A 43 -4.23 -0.74 -35.64
CA PRO A 43 -3.02 -1.58 -35.55
C PRO A 43 -1.92 -0.85 -34.81
N TYR A 44 -0.98 -1.64 -34.28
CA TYR A 44 0.05 -1.12 -33.40
C TYR A 44 0.76 0.09 -33.98
N GLU A 45 1.11 0.04 -35.27
CA GLU A 45 1.88 1.14 -35.85
C GLU A 45 1.06 2.40 -36.06
N GLN A 46 -0.24 2.37 -35.81
CA GLN A 46 -1.10 3.54 -35.88
C GLN A 46 -1.58 3.97 -34.51
N ARG A 47 -1.06 3.34 -33.45
CA ARG A 47 -1.30 3.75 -32.08
C ARG A 47 -0.17 4.68 -31.64
N TRP A 48 -0.46 5.53 -30.66
CA TRP A 48 0.61 6.41 -30.19
C TRP A 48 1.74 5.60 -29.58
N THR A 49 1.40 4.49 -28.91
CA THR A 49 2.40 3.64 -28.30
C THR A 49 3.36 3.06 -29.35
N GLY A 50 2.81 2.55 -30.46
CA GLY A 50 3.67 1.96 -31.48
C GLY A 50 4.48 2.99 -32.24
N ALA A 51 3.91 4.16 -32.46
CA ALA A 51 4.64 5.28 -33.04
C ALA A 51 5.75 5.78 -32.12
N MET A 52 5.49 5.84 -30.81
CA MET A 52 6.54 6.21 -29.86
C MET A 52 7.64 5.16 -29.86
N ALA A 53 7.27 3.88 -29.89
CA ALA A 53 8.27 2.81 -29.90
C ALA A 53 9.15 2.87 -31.15
N ALA A 54 8.56 3.18 -32.30
CA ALA A 54 9.34 3.27 -33.53
C ALA A 54 10.38 4.38 -33.43
N ARG A 55 9.99 5.55 -32.90
CA ARG A 55 10.94 6.65 -32.77
C ARG A 55 12.01 6.35 -31.72
N LEU A 56 11.63 5.67 -30.64
CA LEU A 56 12.59 5.38 -29.57
C LEU A 56 13.66 4.37 -29.99
N GLY A 57 13.29 3.35 -30.77
CA GLY A 57 14.23 2.36 -31.23
C GLY A 57 14.25 1.11 -30.37
N ASP A 58 15.06 0.14 -30.78
CA ASP A 58 15.04 -1.16 -30.10
C ASP A 58 15.83 -1.18 -28.79
N GLY A 59 16.32 -0.04 -28.33
CA GLY A 59 16.75 0.07 -26.95
C GLY A 59 15.63 0.21 -25.95
N TYR A 60 14.38 0.20 -26.42
CA TYR A 60 13.22 0.42 -25.55
C TYR A 60 12.22 -0.70 -25.75
N HIS A 61 11.63 -1.16 -24.64
CA HIS A 61 10.57 -2.15 -24.64
C HIS A 61 9.31 -1.48 -24.13
N ILE A 62 8.29 -1.39 -24.98
CA ILE A 62 7.05 -0.70 -24.69
C ILE A 62 6.01 -1.74 -24.25
N ILE A 63 5.35 -1.47 -23.14
CA ILE A 63 4.29 -2.31 -22.59
C ILE A 63 2.99 -1.51 -22.65
N GLU A 64 1.99 -2.05 -23.33
CA GLU A 64 0.71 -1.37 -23.49
C GLU A 64 -0.28 -1.86 -22.43
N GLU A 65 -0.84 -0.90 -21.67
CA GLU A 65 -1.97 -1.15 -20.77
C GLU A 65 -3.03 -0.07 -20.97
N GLY A 66 -3.73 -0.14 -22.10
CA GLY A 66 -4.81 0.77 -22.42
C GLY A 66 -6.15 0.06 -22.32
N LEU A 67 -7.09 0.70 -21.67
CA LEU A 67 -8.42 0.12 -21.48
C LEU A 67 -9.48 1.18 -21.76
N SER A 68 -10.31 0.91 -22.77
CA SER A 68 -11.39 1.84 -23.09
C SER A 68 -12.25 2.11 -21.86
N ALA A 69 -12.65 3.36 -21.69
CA ALA A 69 -13.53 3.85 -20.62
C ALA A 69 -12.87 3.92 -19.25
N ARG A 70 -11.57 3.66 -19.16
CA ARG A 70 -10.87 3.70 -17.88
C ARG A 70 -10.79 5.10 -17.30
N THR A 71 -11.03 5.19 -15.99
CA THR A 71 -10.92 6.42 -15.21
C THR A 71 -9.62 6.42 -14.39
N THR A 72 -9.30 7.58 -13.79
CA THR A 72 -8.14 7.60 -12.88
C THR A 72 -8.40 6.73 -11.64
N SER A 73 -9.51 6.99 -10.93
CA SER A 73 -9.71 6.42 -9.60
C SER A 73 -11.18 6.28 -9.25
N LEU A 74 -12.04 6.14 -10.25
CA LEU A 74 -13.48 6.08 -10.04
C LEU A 74 -14.03 4.71 -10.42
N ASP A 75 -14.96 4.21 -9.62
CA ASP A 75 -15.71 3.01 -10.00
C ASP A 75 -16.86 3.41 -10.94
N ASP A 76 -16.88 2.83 -12.13
CA ASP A 76 -17.96 3.10 -13.08
C ASP A 76 -19.19 2.26 -12.70
N PRO A 77 -20.38 2.84 -12.73
CA PRO A 77 -21.57 2.12 -12.24
C PRO A 77 -21.92 0.90 -13.06
N ASN A 78 -21.51 0.84 -14.32
CA ASN A 78 -21.96 -0.20 -15.22
C ASN A 78 -20.87 -1.19 -15.56
N ASP A 79 -19.63 -0.99 -15.08
CA ASP A 79 -18.53 -1.85 -15.49
C ASP A 79 -17.46 -1.85 -14.41
N ALA A 80 -17.24 -3.01 -13.79
CA ALA A 80 -16.30 -3.15 -12.70
C ALA A 80 -14.83 -3.10 -13.13
N ARG A 81 -14.54 -3.01 -14.43
CA ARG A 81 -13.17 -3.09 -14.92
C ARG A 81 -12.45 -1.74 -14.99
N LEU A 82 -13.13 -0.62 -14.71
CA LEU A 82 -12.72 0.67 -15.26
C LEU A 82 -11.95 1.58 -14.29
N ASN A 83 -11.77 1.21 -13.04
CA ASN A 83 -11.02 2.05 -12.11
C ASN A 83 -9.52 1.84 -12.33
N GLY A 84 -8.83 2.86 -12.83
CA GLY A 84 -7.42 2.71 -13.13
C GLY A 84 -6.58 2.36 -11.91
N SER A 85 -6.90 3.01 -10.77
CA SER A 85 -6.13 2.86 -9.56
C SER A 85 -6.33 1.47 -8.93
N THR A 86 -7.41 0.77 -9.29
CA THR A 86 -7.58 -0.60 -8.81
C THR A 86 -6.60 -1.58 -9.46
N TYR A 87 -6.27 -1.35 -10.72
CA TYR A 87 -5.43 -2.25 -11.55
C TYR A 87 -3.95 -1.85 -11.58
N LEU A 88 -3.62 -0.57 -11.42
CA LEU A 88 -2.23 -0.15 -11.63
C LEU A 88 -1.23 -0.85 -10.72
N PRO A 89 -1.45 -0.98 -9.40
CA PRO A 89 -0.44 -1.69 -8.58
C PRO A 89 -0.13 -3.09 -9.07
N MET A 90 -1.16 -3.86 -9.44
CA MET A 90 -0.95 -5.19 -10.02
C MET A 90 -0.15 -5.11 -11.34
N ALA A 91 -0.45 -4.14 -12.19
CA ALA A 91 0.26 -4.05 -13.46
C ALA A 91 1.72 -3.68 -13.25
N LEU A 92 1.99 -2.77 -12.32
CA LEU A 92 3.38 -2.40 -12.04
C LEU A 92 4.19 -3.61 -11.62
N ALA A 93 3.64 -4.40 -10.69
CA ALA A 93 4.38 -5.54 -10.15
C ALA A 93 4.57 -6.61 -11.21
N SER A 94 3.63 -6.70 -12.15
CA SER A 94 3.72 -7.66 -13.24
C SER A 94 4.79 -7.27 -14.27
N HIS A 95 5.14 -5.99 -14.35
CA HIS A 95 6.01 -5.53 -15.44
C HIS A 95 7.36 -5.01 -14.99
N LEU A 96 7.69 -5.08 -13.71
CA LEU A 96 9.03 -4.71 -13.27
C LEU A 96 10.04 -5.65 -13.94
N PRO A 97 11.25 -5.16 -14.24
CA PRO A 97 11.76 -3.81 -14.00
C PRO A 97 11.23 -2.78 -14.99
N LEU A 98 10.90 -1.58 -14.51
CA LEU A 98 10.37 -0.51 -15.33
C LEU A 98 11.22 0.74 -15.14
N ASP A 99 11.59 1.40 -16.23
CA ASP A 99 12.28 2.67 -16.17
C ASP A 99 11.33 3.86 -16.13
N LEU A 100 10.14 3.74 -16.72
CA LEU A 100 9.23 4.87 -16.87
C LEU A 100 7.80 4.33 -17.00
N VAL A 101 6.86 5.02 -16.34
CA VAL A 101 5.44 4.79 -16.52
C VAL A 101 4.85 6.08 -17.09
N ILE A 102 4.21 5.96 -18.25
CA ILE A 102 3.50 7.07 -18.89
C ILE A 102 2.01 6.89 -18.60
N ILE A 103 1.37 7.90 -18.04
CA ILE A 103 -0.03 7.84 -17.64
C ILE A 103 -0.78 8.91 -18.40
N MET A 104 -1.72 8.50 -19.26
CA MET A 104 -2.60 9.43 -19.95
C MET A 104 -4.03 9.03 -19.63
N LEU A 105 -4.62 9.68 -18.62
CA LEU A 105 -5.98 9.40 -18.17
C LEU A 105 -6.60 10.70 -17.71
N GLY A 106 -7.93 10.68 -17.55
CA GLY A 106 -8.67 11.79 -17.01
C GLY A 106 -9.89 12.15 -17.83
N THR A 107 -9.83 11.86 -19.13
CA THR A 107 -10.97 12.18 -19.99
C THR A 107 -12.25 11.52 -19.49
N ASN A 108 -12.16 10.26 -19.05
CA ASN A 108 -13.39 9.58 -18.67
C ASN A 108 -13.92 10.06 -17.33
N ASP A 109 -13.06 10.61 -16.48
CA ASP A 109 -13.54 11.19 -15.24
C ASP A 109 -14.45 12.39 -15.46
N THR A 110 -14.42 13.01 -16.66
CA THR A 110 -15.26 14.17 -16.97
C THR A 110 -16.67 13.78 -17.39
N LYS A 111 -17.00 12.49 -17.45
CA LYS A 111 -18.36 12.11 -17.84
C LYS A 111 -19.39 12.65 -16.86
N SER A 112 -20.59 12.91 -17.42
CA SER A 112 -21.64 13.59 -16.68
C SER A 112 -21.99 12.88 -15.37
N TYR A 113 -22.13 11.56 -15.40
CA TYR A 113 -22.61 10.81 -14.24
C TYR A 113 -21.55 10.64 -13.15
N PHE A 114 -20.31 11.09 -13.33
CA PHE A 114 -19.34 11.03 -12.22
C PHE A 114 -19.32 12.30 -11.36
N HIS A 115 -19.75 13.45 -11.90
CA HIS A 115 -19.87 14.68 -11.11
C HIS A 115 -18.57 15.02 -10.38
N ARG A 116 -17.45 14.90 -11.09
CA ARG A 116 -16.13 15.18 -10.51
C ARG A 116 -15.68 16.58 -10.93
N THR A 117 -15.03 17.29 -10.00
CA THR A 117 -14.43 18.57 -10.33
C THR A 117 -13.08 18.34 -11.00
N PRO A 118 -12.58 19.31 -11.75
CA PRO A 118 -11.23 19.18 -12.33
C PRO A 118 -10.15 18.86 -11.30
N TYR A 119 -10.19 19.50 -10.13
CA TYR A 119 -9.17 19.20 -9.11
C TYR A 119 -9.25 17.75 -8.67
N GLU A 120 -10.47 17.23 -8.47
CA GLU A 120 -10.61 15.82 -8.08
C GLU A 120 -10.06 14.88 -9.15
N ILE A 121 -10.16 15.25 -10.43
CA ILE A 121 -9.59 14.44 -11.50
C ILE A 121 -8.08 14.44 -11.41
N ALA A 122 -7.48 15.62 -11.26
CA ALA A 122 -6.04 15.72 -11.11
C ALA A 122 -5.58 15.01 -9.84
N ASN A 123 -6.38 15.06 -8.77
CA ASN A 123 -6.06 14.32 -7.56
C ASN A 123 -6.11 12.80 -7.79
N GLY A 124 -6.98 12.34 -8.69
CA GLY A 124 -6.99 10.94 -9.07
C GLY A 124 -5.74 10.54 -9.84
N MET A 125 -5.31 11.40 -10.77
CA MET A 125 -4.01 11.23 -11.37
C MET A 125 -2.92 11.19 -10.31
N GLY A 126 -3.02 12.03 -9.27
CA GLY A 126 -2.03 12.01 -8.21
C GLY A 126 -1.99 10.67 -7.50
N LYS A 127 -3.15 10.05 -7.30
CA LYS A 127 -3.18 8.71 -6.71
C LYS A 127 -2.37 7.74 -7.55
N LEU A 128 -2.51 7.80 -8.88
CA LEU A 128 -1.77 6.89 -9.75
C LEU A 128 -0.28 7.19 -9.70
N VAL A 129 0.10 8.47 -9.68
CA VAL A 129 1.51 8.81 -9.60
C VAL A 129 2.12 8.24 -8.32
N GLY A 130 1.41 8.39 -7.21
CA GLY A 130 1.86 7.83 -5.95
C GLY A 130 2.03 6.31 -5.99
N GLN A 131 1.13 5.61 -6.69
CA GLN A 131 1.26 4.16 -6.81
C GLN A 131 2.53 3.77 -7.54
N VAL A 132 2.94 4.56 -8.53
CA VAL A 132 4.21 4.28 -9.19
C VAL A 132 5.38 4.60 -8.26
N LEU A 133 5.35 5.75 -7.63
CA LEU A 133 6.49 6.17 -6.81
C LEU A 133 6.72 5.26 -5.62
N THR A 134 5.69 4.54 -5.16
CA THR A 134 5.84 3.67 -3.99
C THR A 134 5.97 2.20 -4.37
N CYS A 135 6.14 1.87 -5.66
CA CYS A 135 6.06 0.49 -6.11
C CYS A 135 7.38 -0.27 -6.06
N ALA A 136 8.45 0.35 -5.57
CA ALA A 136 9.76 -0.28 -5.56
C ALA A 136 9.68 -1.66 -4.92
N GLY A 137 10.37 -2.62 -5.53
CA GLY A 137 10.40 -3.97 -5.02
C GLY A 137 9.44 -4.89 -5.74
N GLY A 138 8.26 -4.39 -6.10
CA GLY A 138 7.22 -5.27 -6.61
C GLY A 138 6.98 -6.40 -5.64
N VAL A 139 6.91 -7.62 -6.17
CA VAL A 139 6.86 -8.84 -5.38
C VAL A 139 8.26 -9.45 -5.41
N GLY A 140 9.05 -9.22 -4.36
CA GLY A 140 10.30 -9.92 -4.17
C GLY A 140 11.45 -9.57 -5.10
N THR A 141 11.57 -8.31 -5.52
CA THR A 141 12.67 -7.88 -6.36
C THR A 141 13.45 -6.74 -5.73
N PRO A 142 14.66 -6.48 -6.21
CA PRO A 142 15.42 -5.30 -5.76
C PRO A 142 15.25 -4.08 -6.66
N TYR A 143 14.28 -4.10 -7.58
CA TYR A 143 14.23 -3.07 -8.61
C TYR A 143 13.71 -1.75 -8.04
N PRO A 144 14.20 -0.62 -8.54
CA PRO A 144 13.77 0.68 -8.03
C PRO A 144 12.43 1.13 -8.61
N ALA A 145 11.89 2.16 -8.01
CA ALA A 145 10.69 2.78 -8.55
C ALA A 145 10.99 3.42 -9.92
N PRO A 146 10.07 3.29 -10.87
CA PRO A 146 10.21 3.97 -12.16
C PRO A 146 10.04 5.47 -12.02
N LYS A 147 10.50 6.19 -13.04
CA LYS A 147 10.08 7.57 -13.24
C LYS A 147 8.65 7.61 -13.76
N VAL A 148 8.04 8.80 -13.73
CA VAL A 148 6.64 8.99 -14.11
C VAL A 148 6.56 10.14 -15.11
N LEU A 149 5.84 9.92 -16.22
CA LEU A 149 5.46 10.99 -17.13
C LEU A 149 3.95 11.11 -17.10
N VAL A 150 3.45 12.22 -16.53
CA VAL A 150 2.02 12.54 -16.54
C VAL A 150 1.70 13.20 -17.88
N VAL A 151 0.69 12.70 -18.57
CA VAL A 151 0.25 13.27 -19.85
C VAL A 151 -1.17 13.77 -19.69
N ALA A 152 -1.35 15.08 -19.87
CA ALA A 152 -2.70 15.59 -19.92
C ALA A 152 -3.29 15.28 -21.29
N PRO A 153 -4.47 14.67 -21.36
CA PRO A 153 -5.06 14.36 -22.66
C PRO A 153 -5.51 15.64 -23.36
N PRO A 154 -5.69 15.61 -24.68
CA PRO A 154 -6.20 16.80 -25.36
C PRO A 154 -7.63 17.06 -24.97
N PRO A 155 -8.07 18.32 -24.97
CA PRO A 155 -9.46 18.62 -24.63
C PRO A 155 -10.45 17.92 -25.55
N LEU A 156 -11.65 17.67 -25.02
CA LEU A 156 -12.75 17.14 -25.81
C LEU A 156 -13.17 18.13 -26.90
N ALA A 157 -13.90 17.62 -27.89
CA ALA A 157 -14.45 18.41 -28.98
C ALA A 157 -15.96 18.24 -29.04
N PRO A 158 -16.67 19.04 -29.84
CA PRO A 158 -18.11 18.82 -30.00
C PRO A 158 -18.38 17.42 -30.53
N MET A 159 -19.50 16.84 -30.09
N MET A 159 -19.50 16.84 -30.08
CA MET A 159 -19.81 15.44 -30.35
CA MET A 159 -19.83 15.44 -30.34
C MET A 159 -21.14 15.32 -31.09
C MET A 159 -21.13 15.38 -31.12
N PRO A 160 -21.16 14.77 -32.30
CA PRO A 160 -22.43 14.68 -33.03
C PRO A 160 -23.40 13.65 -32.50
N ASP A 161 -22.96 12.62 -31.80
CA ASP A 161 -23.90 11.59 -31.37
C ASP A 161 -24.56 11.99 -30.06
N PRO A 162 -25.91 11.96 -29.97
CA PRO A 162 -26.54 12.41 -28.72
C PRO A 162 -26.21 11.57 -27.51
N TRP A 163 -25.93 10.27 -27.67
CA TRP A 163 -25.59 9.49 -26.49
C TRP A 163 -24.22 9.89 -25.93
N PHE A 164 -23.23 10.08 -26.81
CA PHE A 164 -21.94 10.60 -26.36
C PHE A 164 -22.07 12.01 -25.79
N GLU A 165 -22.89 12.88 -26.42
CA GLU A 165 -23.08 14.21 -25.87
C GLU A 165 -23.60 14.16 -24.44
N GLY A 166 -24.60 13.31 -24.19
CA GLY A 166 -25.07 13.14 -22.81
C GLY A 166 -24.02 12.55 -21.91
N MET A 167 -23.27 11.59 -22.42
CA MET A 167 -22.23 10.92 -21.63
C MET A 167 -21.21 11.92 -21.11
N PHE A 168 -20.87 12.93 -21.92
CA PHE A 168 -19.84 13.91 -21.57
C PHE A 168 -20.41 15.30 -21.24
N GLY A 169 -21.69 15.38 -20.89
CA GLY A 169 -22.27 16.63 -20.45
C GLY A 169 -21.48 17.30 -19.34
N GLY A 170 -21.12 18.57 -19.53
CA GLY A 170 -20.28 19.26 -18.58
C GLY A 170 -18.80 18.95 -18.69
N GLY A 171 -18.42 17.98 -19.52
CA GLY A 171 -17.03 17.51 -19.52
C GLY A 171 -16.06 18.36 -20.28
N TYR A 172 -16.51 19.09 -21.31
CA TYR A 172 -15.54 19.84 -22.11
C TYR A 172 -14.75 20.83 -21.26
N GLU A 173 -15.46 21.64 -20.48
CA GLU A 173 -14.82 22.63 -19.63
C GLU A 173 -13.82 21.97 -18.69
N LYS A 174 -14.20 20.81 -18.13
CA LYS A 174 -13.30 20.10 -17.23
C LYS A 174 -12.05 19.62 -17.96
N SER A 175 -12.21 19.10 -19.17
CA SER A 175 -11.08 18.59 -19.95
C SER A 175 -10.10 19.71 -20.28
N LYS A 176 -10.60 20.95 -20.44
CA LYS A 176 -9.73 22.09 -20.71
C LYS A 176 -8.85 22.47 -19.53
N GLU A 177 -9.30 22.19 -18.32
CA GLU A 177 -8.57 22.55 -17.12
C GLU A 177 -7.51 21.52 -16.74
N LEU A 178 -7.52 20.33 -17.34
CA LEU A 178 -6.64 19.27 -16.85
C LEU A 178 -5.16 19.59 -17.10
N SER A 179 -4.84 20.22 -18.23
CA SER A 179 -3.44 20.51 -18.52
C SER A 179 -2.80 21.32 -17.40
N GLY A 180 -3.41 22.45 -17.03
CA GLY A 180 -2.83 23.29 -15.98
C GLY A 180 -2.74 22.57 -14.64
N LEU A 181 -3.78 21.83 -14.27
CA LEU A 181 -3.77 21.14 -12.99
C LEU A 181 -2.78 19.98 -12.98
N TYR A 182 -2.66 19.25 -14.11
CA TYR A 182 -1.67 18.17 -14.16
C TYR A 182 -0.25 18.71 -14.12
N LYS A 183 -0.01 19.89 -14.70
CA LYS A 183 1.32 20.50 -14.63
C LYS A 183 1.65 20.85 -13.19
N ALA A 184 0.69 21.42 -12.46
CA ALA A 184 0.88 21.75 -11.06
C ALA A 184 1.12 20.49 -10.21
N LEU A 185 0.36 19.43 -10.49
CA LEU A 185 0.56 18.16 -9.79
C LEU A 185 1.94 17.60 -10.03
N ALA A 186 2.36 17.55 -11.29
CA ALA A 186 3.65 16.96 -11.63
C ALA A 186 4.80 17.77 -11.01
N ASP A 187 4.69 19.09 -11.00
CA ASP A 187 5.71 19.88 -10.31
C ASP A 187 5.75 19.55 -8.82
N PHE A 188 4.59 19.45 -8.19
CA PHE A 188 4.50 19.21 -6.76
C PHE A 188 5.09 17.85 -6.40
N MET A 189 4.72 16.82 -7.18
CA MET A 189 5.20 15.46 -6.92
C MET A 189 6.60 15.20 -7.52
N LYS A 190 7.19 16.20 -8.20
CA LYS A 190 8.55 16.10 -8.74
C LYS A 190 8.68 15.00 -9.80
N VAL A 191 7.69 14.91 -10.69
CA VAL A 191 7.73 13.99 -11.81
C VAL A 191 7.65 14.76 -13.13
N GLU A 192 7.61 14.04 -14.25
CA GLU A 192 7.64 14.70 -15.55
C GLU A 192 6.23 14.95 -16.05
N PHE A 193 6.11 15.91 -16.98
CA PHE A 193 4.81 16.34 -17.49
C PHE A 193 4.86 16.64 -18.99
N PHE A 194 3.78 16.26 -19.69
CA PHE A 194 3.61 16.57 -21.12
C PHE A 194 2.15 16.87 -21.41
N ALA A 195 1.88 18.03 -22.01
CA ALA A 195 0.52 18.40 -22.39
C ALA A 195 0.26 17.94 -23.83
N ALA A 196 -0.56 16.89 -23.98
CA ALA A 196 -0.84 16.42 -25.33
C ALA A 196 -1.46 17.54 -26.18
N GLY A 197 -2.26 18.41 -25.57
CA GLY A 197 -2.92 19.48 -26.30
C GLY A 197 -1.99 20.55 -26.84
N ASP A 198 -0.73 20.59 -26.40
CA ASP A 198 0.26 21.48 -26.99
C ASP A 198 0.74 20.98 -28.34
N CYS A 199 0.42 19.74 -28.68
N CYS A 199 0.50 19.71 -28.67
CA CYS A 199 0.92 19.07 -29.85
CA CYS A 199 0.93 19.12 -29.92
C CYS A 199 -0.18 18.56 -30.76
C CYS A 199 -0.22 18.63 -30.80
N ILE A 200 -1.30 18.12 -30.21
CA ILE A 200 -2.40 17.54 -30.98
C ILE A 200 -3.73 18.11 -30.48
N SER A 201 -4.78 17.82 -31.25
CA SER A 201 -6.15 18.10 -30.83
C SER A 201 -6.97 16.82 -30.99
N THR A 202 -8.12 16.78 -30.32
CA THR A 202 -9.05 15.68 -30.52
C THR A 202 -9.72 15.85 -31.87
N ASP A 203 -9.35 15.03 -32.86
CA ASP A 203 -9.77 15.24 -34.24
C ASP A 203 -10.69 14.16 -34.78
N GLY A 204 -11.07 13.17 -33.97
CA GLY A 204 -11.94 12.12 -34.47
C GLY A 204 -13.37 12.59 -34.64
N ILE A 205 -14.09 11.92 -35.56
CA ILE A 205 -15.44 12.35 -35.93
C ILE A 205 -16.39 12.35 -34.73
N ASP A 206 -16.12 11.51 -33.72
CA ASP A 206 -16.99 11.44 -32.55
C ASP A 206 -16.73 12.53 -31.50
N GLY A 207 -15.69 13.37 -31.65
CA GLY A 207 -15.36 14.39 -30.68
C GLY A 207 -14.59 13.89 -29.45
N ILE A 208 -14.16 12.61 -29.44
CA ILE A 208 -13.54 11.99 -28.28
C ILE A 208 -12.20 11.33 -28.66
N HIS A 209 -12.20 10.58 -29.76
CA HIS A 209 -11.03 9.78 -30.12
C HIS A 209 -10.24 10.46 -31.24
N LEU A 210 -9.14 9.81 -31.64
CA LEU A 210 -8.12 10.43 -32.49
C LEU A 210 -7.91 9.65 -33.78
N SER A 211 -7.48 10.37 -34.81
CA SER A 211 -7.08 9.78 -36.07
C SER A 211 -5.73 9.11 -35.96
N ALA A 212 -5.42 8.26 -36.94
CA ALA A 212 -4.11 7.61 -36.97
C ALA A 212 -2.99 8.64 -37.05
N GLU A 213 -3.12 9.65 -37.92
CA GLU A 213 -2.01 10.59 -38.08
C GLU A 213 -1.76 11.36 -36.78
N THR A 214 -2.83 11.67 -36.05
CA THR A 214 -2.69 12.34 -34.76
C THR A 214 -2.05 11.41 -33.71
N ASN A 215 -2.41 10.11 -33.71
CA ASN A 215 -1.72 9.17 -32.84
C ASN A 215 -0.23 9.13 -33.14
N ILE A 216 0.14 9.20 -34.42
CA ILE A 216 1.54 9.12 -34.80
C ILE A 216 2.27 10.39 -34.38
N ARG A 217 1.68 11.56 -34.64
CA ARG A 217 2.28 12.81 -34.15
C ARG A 217 2.44 12.78 -32.64
N LEU A 218 1.42 12.30 -31.91
CA LEU A 218 1.48 12.24 -30.46
C LEU A 218 2.59 11.33 -29.98
N GLY A 219 2.70 10.15 -30.57
CA GLY A 219 3.73 9.21 -30.16
C GLY A 219 5.14 9.73 -30.43
N HIS A 220 5.32 10.40 -31.57
CA HIS A 220 6.63 11.00 -31.83
C HIS A 220 6.98 12.04 -30.77
N ALA A 221 6.01 12.88 -30.38
CA ALA A 221 6.30 13.92 -29.41
C ALA A 221 6.56 13.34 -28.03
N ILE A 222 5.85 12.26 -27.67
CA ILE A 222 6.12 11.62 -26.39
C ILE A 222 7.48 10.94 -26.38
N ALA A 223 7.87 10.35 -27.51
CA ALA A 223 9.19 9.74 -27.63
C ALA A 223 10.28 10.79 -27.40
N ASP A 224 10.11 12.00 -27.93
CA ASP A 224 11.12 13.03 -27.69
C ASP A 224 11.26 13.30 -26.20
N LYS A 225 10.12 13.39 -25.51
CA LYS A 225 10.12 13.59 -24.07
C LYS A 225 10.83 12.45 -23.36
N VAL A 226 10.56 11.20 -23.77
CA VAL A 226 11.15 10.03 -23.13
C VAL A 226 12.66 10.01 -23.37
N ALA A 227 13.08 10.23 -24.61
CA ALA A 227 14.52 10.21 -24.91
C ALA A 227 15.27 11.31 -24.17
N ALA A 228 14.63 12.46 -23.93
CA ALA A 228 15.31 13.55 -23.24
C ALA A 228 15.51 13.21 -21.77
N LEU A 229 14.66 12.35 -21.22
CA LEU A 229 14.79 11.93 -19.84
C LEU A 229 15.95 10.97 -19.65
N PHE A 230 16.23 10.13 -20.65
CA PHE A 230 17.33 9.20 -20.55
C PHE A 230 18.45 9.63 -21.50
N LYS B 16 -1.59 -10.23 -37.13
CA LYS B 16 -0.92 -11.23 -36.31
C LYS B 16 -1.93 -11.85 -35.34
N ARG B 17 -1.64 -13.09 -34.92
CA ARG B 17 -2.46 -13.75 -33.92
C ARG B 17 -1.94 -13.37 -32.55
N SER B 18 -2.82 -12.84 -31.71
CA SER B 18 -2.43 -12.31 -30.40
C SER B 18 -2.62 -13.36 -29.31
N VAL B 19 -1.59 -13.57 -28.50
CA VAL B 19 -1.59 -14.61 -27.47
C VAL B 19 -1.26 -13.97 -26.13
N LEU B 20 -2.21 -13.98 -25.21
CA LEU B 20 -1.99 -13.45 -23.88
C LEU B 20 -1.58 -14.57 -22.93
N CYS B 21 -0.46 -14.36 -22.23
CA CYS B 21 0.12 -15.35 -21.33
C CYS B 21 -0.08 -14.89 -19.89
N PHE B 22 -0.99 -15.55 -19.17
CA PHE B 22 -1.41 -15.14 -17.84
C PHE B 22 -0.89 -16.13 -16.82
N GLY B 23 -0.05 -15.66 -15.89
CA GLY B 23 0.62 -16.56 -14.98
C GLY B 23 1.18 -15.90 -13.74
N ASP B 24 2.02 -16.66 -13.03
CA ASP B 24 2.67 -16.27 -11.77
C ASP B 24 4.17 -16.07 -12.03
N SER B 25 5.01 -16.36 -11.02
N SER B 25 5.00 -16.36 -11.02
CA SER B 25 6.46 -16.14 -11.18
CA SER B 25 6.44 -16.17 -11.16
C SER B 25 7.05 -17.02 -12.28
C SER B 25 7.02 -17.01 -12.29
N LEU B 26 6.42 -18.16 -12.58
CA LEU B 26 6.95 -19.01 -13.64
C LEU B 26 6.86 -18.29 -14.98
N THR B 27 5.85 -17.44 -15.13
CA THR B 27 5.62 -16.68 -16.34
C THR B 27 6.36 -15.34 -16.29
N TRP B 28 6.33 -14.65 -15.16
CA TRP B 28 7.10 -13.41 -14.99
C TRP B 28 8.58 -13.66 -15.21
N GLY B 29 9.09 -14.80 -14.74
CA GLY B 29 10.48 -15.15 -14.93
C GLY B 29 11.36 -14.95 -13.71
N TRP B 30 10.94 -15.51 -12.56
CA TRP B 30 11.71 -15.43 -11.34
C TRP B 30 12.98 -16.30 -11.44
N ILE B 31 14.15 -15.69 -11.30
CA ILE B 31 15.42 -16.43 -11.30
C ILE B 31 15.64 -17.12 -9.96
N PRO B 32 15.66 -18.44 -9.87
CA PRO B 32 15.93 -19.08 -8.58
C PRO B 32 17.33 -18.71 -8.10
N VAL B 33 17.44 -18.33 -6.83
CA VAL B 33 18.73 -17.94 -6.24
C VAL B 33 18.92 -18.53 -4.85
N LYS B 34 20.18 -18.68 -4.48
CA LYS B 34 20.54 -19.35 -3.24
C LYS B 34 19.98 -18.64 -2.00
N GLU B 35 19.92 -17.31 -2.00
CA GLU B 35 19.35 -16.62 -0.84
C GLU B 35 17.82 -16.49 -0.88
N SER B 36 17.20 -17.18 -1.84
CA SER B 36 15.74 -17.31 -1.99
C SER B 36 15.05 -16.06 -2.52
N SER B 37 15.29 -14.91 -1.88
CA SER B 37 14.61 -13.67 -2.22
C SER B 37 15.42 -12.51 -1.63
N PRO B 38 15.43 -11.34 -2.28
CA PRO B 38 14.79 -11.01 -3.56
C PRO B 38 15.60 -11.52 -4.75
N THR B 39 15.07 -11.34 -5.96
CA THR B 39 15.74 -11.83 -7.15
C THR B 39 15.44 -10.95 -8.34
N LEU B 40 16.17 -11.21 -9.41
CA LEU B 40 16.03 -10.50 -10.68
C LEU B 40 15.13 -11.28 -11.62
N ARG B 41 14.76 -10.63 -12.71
CA ARG B 41 13.91 -11.22 -13.74
C ARG B 41 14.76 -11.76 -14.89
N TYR B 42 14.42 -12.97 -15.34
CA TYR B 42 15.02 -13.46 -16.58
C TYR B 42 14.77 -12.47 -17.71
N PRO B 43 15.76 -12.23 -18.56
CA PRO B 43 15.50 -11.55 -19.84
C PRO B 43 14.44 -12.28 -20.66
N TYR B 44 13.84 -11.54 -21.58
CA TYR B 44 12.71 -12.05 -22.36
C TYR B 44 13.06 -13.35 -23.08
N GLU B 45 14.28 -13.41 -23.64
N GLU B 45 14.26 -13.42 -23.66
N GLU B 45 14.25 -13.43 -23.68
CA GLU B 45 14.74 -14.56 -24.40
CA GLU B 45 14.65 -14.62 -24.40
CA GLU B 45 14.61 -14.63 -24.42
C GLU B 45 14.91 -15.80 -23.52
C GLU B 45 14.73 -15.84 -23.49
C GLU B 45 14.91 -15.82 -23.51
N GLN B 46 14.96 -15.63 -22.19
CA GLN B 46 15.09 -16.72 -21.23
C GLN B 46 13.79 -17.02 -20.50
N ARG B 47 12.71 -16.35 -20.87
CA ARG B 47 11.38 -16.60 -20.33
C ARG B 47 10.66 -17.63 -21.21
N TRP B 48 9.69 -18.36 -20.64
CA TRP B 48 8.99 -19.27 -21.52
C TRP B 48 8.20 -18.52 -22.57
N THR B 49 7.68 -17.35 -22.21
CA THR B 49 6.94 -16.50 -23.13
C THR B 49 7.79 -16.09 -24.34
N GLY B 50 9.02 -15.65 -24.09
CA GLY B 50 9.88 -15.23 -25.19
C GLY B 50 10.38 -16.39 -26.03
N ALA B 51 10.67 -17.52 -25.38
CA ALA B 51 11.05 -18.72 -26.12
C ALA B 51 9.89 -19.19 -27.00
N MET B 52 8.67 -19.17 -26.45
CA MET B 52 7.49 -19.48 -27.25
C MET B 52 7.35 -18.52 -28.43
N ALA B 53 7.49 -17.22 -28.18
CA ALA B 53 7.34 -16.24 -29.25
C ALA B 53 8.33 -16.49 -30.37
N ALA B 54 9.58 -16.81 -30.03
CA ALA B 54 10.59 -17.03 -31.06
C ALA B 54 10.22 -18.21 -31.96
N ARG B 55 9.76 -19.30 -31.36
CA ARG B 55 9.42 -20.50 -32.13
C ARG B 55 8.15 -20.31 -32.96
N LEU B 56 7.20 -19.52 -32.44
CA LEU B 56 5.99 -19.22 -33.21
C LEU B 56 6.27 -18.29 -34.38
N GLY B 57 7.15 -17.30 -34.18
CA GLY B 57 7.54 -16.42 -35.28
C GLY B 57 6.66 -15.20 -35.40
N ASP B 58 6.89 -14.45 -36.48
CA ASP B 58 6.33 -13.10 -36.58
C ASP B 58 4.85 -13.07 -36.99
N GLY B 59 4.21 -14.21 -37.22
CA GLY B 59 2.77 -14.24 -37.33
C GLY B 59 2.03 -14.14 -36.00
N TYR B 60 2.76 -14.13 -34.90
CA TYR B 60 2.16 -14.10 -33.58
C TYR B 60 2.69 -12.92 -32.77
N HIS B 61 1.84 -12.43 -31.88
CA HIS B 61 2.16 -11.30 -31.01
C HIS B 61 1.87 -11.77 -29.59
N ILE B 62 2.90 -11.79 -28.75
CA ILE B 62 2.79 -12.31 -27.39
C ILE B 62 2.59 -11.16 -26.42
N ILE B 63 1.64 -11.30 -25.51
CA ILE B 63 1.37 -10.32 -24.47
C ILE B 63 1.66 -11.00 -23.14
N GLU B 64 2.55 -10.42 -22.34
CA GLU B 64 2.93 -11.01 -21.06
C GLU B 64 2.11 -10.40 -19.91
N GLU B 65 1.48 -11.27 -19.10
CA GLU B 65 0.80 -10.88 -17.86
C GLU B 65 1.15 -11.90 -16.76
N GLY B 66 2.43 -11.92 -16.39
CA GLY B 66 2.90 -12.74 -15.27
C GLY B 66 3.13 -11.91 -14.02
N LEU B 67 2.68 -12.42 -12.89
CA LEU B 67 2.80 -11.74 -11.60
C LEU B 67 3.24 -12.73 -10.53
N SER B 68 4.42 -12.48 -9.95
CA SER B 68 4.91 -13.33 -8.87
C SER B 68 3.86 -13.41 -7.77
N ALA B 69 3.66 -14.63 -7.25
CA ALA B 69 2.79 -14.97 -6.14
C ALA B 69 1.30 -15.00 -6.49
N ARG B 70 0.94 -14.83 -7.76
CA ARG B 70 -0.48 -14.80 -8.15
C ARG B 70 -1.13 -16.16 -7.95
N THR B 71 -2.38 -16.14 -7.46
CA THR B 71 -3.24 -17.31 -7.29
C THR B 71 -4.30 -17.33 -8.39
N THR B 72 -5.03 -18.45 -8.47
CA THR B 72 -6.15 -18.49 -9.40
C THR B 72 -7.25 -17.51 -9.00
N SER B 73 -7.74 -17.63 -7.76
CA SER B 73 -8.97 -16.97 -7.34
C SER B 73 -8.98 -16.72 -5.85
N LEU B 74 -7.82 -16.59 -5.22
CA LEU B 74 -7.70 -16.40 -3.78
C LEU B 74 -7.15 -15.02 -3.47
N ASP B 75 -7.67 -14.43 -2.39
CA ASP B 75 -7.10 -13.22 -1.84
C ASP B 75 -5.96 -13.58 -0.89
N ASP B 76 -4.77 -13.07 -1.16
CA ASP B 76 -3.62 -13.32 -0.30
C ASP B 76 -3.69 -12.38 0.89
N PRO B 77 -3.48 -12.87 2.12
CA PRO B 77 -3.69 -11.99 3.29
C PRO B 77 -2.73 -10.83 3.34
N ASN B 78 -1.59 -10.93 2.69
CA ASN B 78 -0.56 -9.90 2.83
C ASN B 78 -0.45 -8.99 1.61
N ASP B 79 -1.14 -9.29 0.52
CA ASP B 79 -0.90 -8.57 -0.73
C ASP B 79 -2.19 -8.58 -1.55
N ALA B 80 -2.80 -7.39 -1.75
CA ALA B 80 -4.05 -7.28 -2.48
C ALA B 80 -3.89 -7.39 -4.00
N ARG B 81 -2.67 -7.59 -4.50
CA ARG B 81 -2.45 -7.68 -5.93
C ARG B 81 -2.62 -9.08 -6.51
N LEU B 82 -2.80 -10.11 -5.68
CA LEU B 82 -2.43 -11.45 -6.10
C LEU B 82 -3.58 -12.34 -6.59
N ASN B 83 -4.84 -11.93 -6.50
CA ASN B 83 -5.94 -12.75 -6.96
C ASN B 83 -6.03 -12.63 -8.49
N GLY B 84 -5.71 -13.73 -9.20
CA GLY B 84 -5.72 -13.68 -10.66
C GLY B 84 -7.07 -13.30 -11.22
N SER B 85 -8.14 -13.83 -10.62
CA SER B 85 -9.49 -13.63 -11.14
C SER B 85 -9.98 -12.21 -10.94
N THR B 86 -9.35 -11.46 -10.03
CA THR B 86 -9.70 -10.06 -9.85
C THR B 86 -9.21 -9.21 -11.03
N TYR B 87 -8.09 -9.60 -11.65
CA TYR B 87 -7.38 -8.82 -12.66
C TYR B 87 -7.68 -9.27 -14.09
N LEU B 88 -8.01 -10.54 -14.29
CA LEU B 88 -8.09 -11.07 -15.65
C LEU B 88 -9.15 -10.39 -16.51
N PRO B 89 -10.38 -10.14 -16.03
CA PRO B 89 -11.34 -9.44 -16.91
C PRO B 89 -10.82 -8.11 -17.43
N MET B 90 -10.18 -7.29 -16.56
CA MET B 90 -9.60 -6.03 -17.00
C MET B 90 -8.50 -6.26 -18.04
N ALA B 91 -7.67 -7.26 -17.81
CA ALA B 91 -6.57 -7.54 -18.74
C ALA B 91 -7.10 -7.98 -20.10
N LEU B 92 -8.15 -8.81 -20.11
CA LEU B 92 -8.70 -9.27 -21.38
C LEU B 92 -9.22 -8.09 -22.19
N ALA B 93 -9.99 -7.22 -21.56
CA ALA B 93 -10.58 -6.09 -22.29
C ALA B 93 -9.51 -5.12 -22.78
N SER B 94 -8.40 -5.02 -22.05
CA SER B 94 -7.28 -4.17 -22.43
C SER B 94 -6.52 -4.68 -23.66
N HIS B 95 -6.65 -5.96 -23.99
CA HIS B 95 -5.79 -6.54 -25.02
C HIS B 95 -6.54 -7.17 -26.18
N LEU B 96 -7.87 -7.08 -26.22
CA LEU B 96 -8.57 -7.52 -27.41
C LEU B 96 -8.10 -6.69 -28.58
N PRO B 97 -8.05 -7.29 -29.78
CA PRO B 97 -8.44 -8.65 -30.13
C PRO B 97 -7.43 -9.70 -29.67
N LEU B 98 -7.91 -10.83 -29.20
CA LEU B 98 -7.07 -11.92 -28.73
C LEU B 98 -7.53 -13.19 -29.40
N ASP B 99 -6.58 -13.99 -29.83
CA ASP B 99 -6.89 -15.29 -30.41
C ASP B 99 -6.76 -16.41 -29.39
N LEU B 100 -5.94 -16.23 -28.36
CA LEU B 100 -5.66 -17.31 -27.43
C LEU B 100 -5.21 -16.70 -26.12
N VAL B 101 -5.70 -17.27 -25.02
CA VAL B 101 -5.22 -16.97 -23.68
C VAL B 101 -4.63 -18.26 -23.13
N ILE B 102 -3.35 -18.23 -22.77
CA ILE B 102 -2.69 -19.33 -22.07
C ILE B 102 -2.66 -18.99 -20.59
N ILE B 103 -3.13 -19.92 -19.74
CA ILE B 103 -3.18 -19.71 -18.30
C ILE B 103 -2.36 -20.78 -17.61
N MET B 104 -1.29 -20.38 -16.91
CA MET B 104 -0.49 -21.31 -16.11
C MET B 104 -0.50 -20.78 -14.68
N LEU B 105 -1.41 -21.32 -13.86
CA LEU B 105 -1.57 -20.90 -12.47
C LEU B 105 -1.98 -22.11 -11.65
N GLY B 106 -1.83 -21.97 -10.32
CA GLY B 106 -2.29 -22.96 -9.37
C GLY B 106 -1.28 -23.31 -8.31
N THR B 107 0.00 -23.18 -8.65
CA THR B 107 1.06 -23.46 -7.68
C THR B 107 0.89 -22.64 -6.41
N ASN B 108 0.59 -21.36 -6.53
CA ASN B 108 0.51 -20.56 -5.31
C ASN B 108 -0.71 -20.88 -4.48
N ASP B 109 -1.78 -21.41 -5.11
CA ASP B 109 -2.95 -21.85 -4.34
C ASP B 109 -2.60 -23.01 -3.40
N THR B 110 -1.48 -23.71 -3.62
CA THR B 110 -1.10 -24.82 -2.77
C THR B 110 -0.35 -24.38 -1.51
N LYS B 111 -0.14 -23.09 -1.30
CA LYS B 111 0.57 -22.64 -0.11
C LYS B 111 -0.17 -23.03 1.16
N SER B 112 0.61 -23.20 2.23
CA SER B 112 0.09 -23.75 3.48
C SER B 112 -1.08 -22.92 4.01
N TYR B 113 -0.98 -21.60 3.94
CA TYR B 113 -1.96 -20.73 4.59
C TYR B 113 -3.26 -20.55 3.81
N PHE B 114 -3.35 -21.12 2.61
CA PHE B 114 -4.62 -21.05 1.88
C PHE B 114 -5.55 -22.23 2.20
N HIS B 115 -5.02 -23.38 2.61
CA HIS B 115 -5.84 -24.53 2.99
C HIS B 115 -6.87 -24.89 1.91
N ARG B 116 -6.42 -24.89 0.66
CA ARG B 116 -7.27 -25.23 -0.48
C ARG B 116 -7.05 -26.68 -0.89
N THR B 117 -8.14 -27.39 -1.21
CA THR B 117 -8.04 -28.72 -1.80
C THR B 117 -7.67 -28.65 -3.29
N PRO B 118 -7.10 -29.71 -3.84
CA PRO B 118 -6.79 -29.69 -5.28
C PRO B 118 -7.99 -29.41 -6.16
N TYR B 119 -9.18 -29.95 -5.83
CA TYR B 119 -10.34 -29.63 -6.65
C TYR B 119 -10.70 -28.16 -6.58
N GLU B 120 -10.58 -27.54 -5.40
CA GLU B 120 -10.83 -26.10 -5.29
C GLU B 120 -9.86 -25.30 -6.15
N ILE B 121 -8.61 -25.75 -6.26
CA ILE B 121 -7.63 -25.07 -7.11
C ILE B 121 -8.02 -25.17 -8.57
N ALA B 122 -8.40 -26.36 -9.00
CA ALA B 122 -8.88 -26.55 -10.38
C ALA B 122 -10.16 -25.75 -10.63
N ASN B 123 -11.03 -25.65 -9.62
CA ASN B 123 -12.23 -24.86 -9.77
C ASN B 123 -11.91 -23.37 -9.91
N GLY B 124 -10.84 -22.92 -9.26
CA GLY B 124 -10.36 -21.55 -9.47
C GLY B 124 -9.83 -21.33 -10.87
N MET B 125 -9.05 -22.30 -11.39
CA MET B 125 -8.71 -22.27 -12.81
C MET B 125 -9.95 -22.18 -13.67
N GLY B 126 -11.00 -22.93 -13.29
CA GLY B 126 -12.26 -22.88 -14.04
C GLY B 126 -12.90 -21.50 -14.04
N LYS B 127 -12.77 -20.77 -12.94
CA LYS B 127 -13.26 -19.41 -12.89
C LYS B 127 -12.58 -18.57 -13.96
N LEU B 128 -11.24 -18.68 -14.05
CA LEU B 128 -10.50 -17.92 -15.05
C LEU B 128 -10.88 -18.34 -16.47
N VAL B 129 -11.02 -19.64 -16.72
CA VAL B 129 -11.45 -20.09 -18.04
C VAL B 129 -12.77 -19.45 -18.41
N GLY B 130 -13.71 -19.44 -17.47
CA GLY B 130 -15.00 -18.84 -17.75
C GLY B 130 -14.90 -17.36 -18.06
N GLN B 131 -14.00 -16.66 -17.37
CA GLN B 131 -13.83 -15.23 -17.64
C GLN B 131 -13.35 -15.01 -19.07
N VAL B 132 -12.51 -15.90 -19.58
CA VAL B 132 -12.07 -15.77 -20.97
C VAL B 132 -13.22 -16.08 -21.91
N LEU B 133 -13.95 -17.17 -21.65
CA LEU B 133 -14.99 -17.59 -22.58
C LEU B 133 -16.13 -16.59 -22.66
N THR B 134 -16.34 -15.76 -21.65
CA THR B 134 -17.45 -14.84 -21.63
C THR B 134 -17.04 -13.40 -21.94
N CYS B 135 -15.78 -13.17 -22.37
CA CYS B 135 -15.23 -11.82 -22.52
C CYS B 135 -15.52 -11.17 -23.86
N ALA B 136 -16.30 -11.83 -24.73
CA ALA B 136 -16.56 -11.28 -26.07
C ALA B 136 -17.00 -9.83 -26.00
N GLY B 137 -16.46 -9.03 -26.92
CA GLY B 137 -16.83 -7.62 -27.05
C GLY B 137 -16.01 -6.67 -26.22
N GLY B 138 -15.48 -7.11 -25.08
CA GLY B 138 -14.66 -6.21 -24.26
C GLY B 138 -15.44 -4.97 -23.89
N VAL B 139 -14.82 -3.81 -24.06
CA VAL B 139 -15.49 -2.51 -23.93
C VAL B 139 -15.70 -1.99 -25.35
N GLY B 140 -16.93 -2.12 -25.84
CA GLY B 140 -17.35 -1.47 -27.08
C GLY B 140 -16.69 -1.93 -28.36
N THR B 141 -16.46 -3.24 -28.50
CA THR B 141 -15.88 -3.81 -29.70
C THR B 141 -16.72 -4.98 -30.18
N PRO B 142 -16.58 -5.38 -31.43
CA PRO B 142 -17.22 -6.61 -31.93
C PRO B 142 -16.35 -7.85 -31.83
N TYR B 143 -15.23 -7.82 -31.11
CA TYR B 143 -14.30 -8.93 -31.18
C TYR B 143 -14.83 -10.15 -30.44
N PRO B 144 -14.54 -11.35 -30.94
CA PRO B 144 -15.01 -12.58 -30.27
C PRO B 144 -14.08 -13.01 -29.14
N ALA B 145 -14.62 -13.91 -28.32
CA ALA B 145 -13.82 -14.49 -27.25
C ALA B 145 -12.68 -15.34 -27.83
N PRO B 146 -11.52 -15.32 -27.20
CA PRO B 146 -10.41 -16.15 -27.67
C PRO B 146 -10.57 -17.59 -27.21
N LYS B 147 -9.74 -18.46 -27.81
CA LYS B 147 -9.53 -19.81 -27.31
C LYS B 147 -8.78 -19.75 -25.98
N VAL B 148 -8.74 -20.88 -25.28
CA VAL B 148 -8.11 -20.98 -23.97
C VAL B 148 -7.22 -22.21 -23.97
N LEU B 149 -5.98 -22.05 -23.50
CA LEU B 149 -5.09 -23.17 -23.23
C LEU B 149 -4.79 -23.18 -21.75
N VAL B 150 -5.29 -24.21 -21.05
CA VAL B 150 -5.01 -24.43 -19.63
C VAL B 150 -3.70 -25.20 -19.53
N VAL B 151 -2.75 -24.68 -18.75
CA VAL B 151 -1.46 -25.33 -18.54
C VAL B 151 -1.32 -25.73 -17.07
N ALA B 152 -1.17 -27.05 -16.81
CA ALA B 152 -0.82 -27.50 -15.47
C ALA B 152 0.66 -27.26 -15.22
N PRO B 153 1.03 -26.58 -14.16
CA PRO B 153 2.45 -26.39 -13.85
C PRO B 153 3.07 -27.69 -13.37
N PRO B 154 4.38 -27.83 -13.46
CA PRO B 154 5.03 -29.06 -12.98
C PRO B 154 4.92 -29.14 -11.46
N PRO B 155 4.97 -30.33 -10.88
CA PRO B 155 4.93 -30.43 -9.42
C PRO B 155 6.11 -29.74 -8.75
N LEU B 156 5.89 -29.35 -7.50
CA LEU B 156 6.93 -28.76 -6.67
C LEU B 156 8.05 -29.76 -6.40
N ALA B 157 9.17 -29.24 -5.87
CA ALA B 157 10.35 -30.05 -5.59
C ALA B 157 10.93 -29.70 -4.21
N PRO B 158 11.95 -30.42 -3.72
CA PRO B 158 12.49 -30.12 -2.40
C PRO B 158 12.95 -28.68 -2.27
N MET B 159 12.70 -28.10 -1.10
N MET B 159 12.65 -28.08 -1.13
CA MET B 159 12.93 -26.67 -0.86
CA MET B 159 12.95 -26.67 -0.88
C MET B 159 13.93 -26.50 0.28
C MET B 159 13.95 -26.57 0.26
N PRO B 160 15.19 -26.15 -0.02
CA PRO B 160 16.19 -26.04 1.06
C PRO B 160 16.03 -24.85 1.97
N ASP B 161 15.21 -23.86 1.61
CA ASP B 161 15.05 -22.70 2.46
C ASP B 161 13.89 -22.93 3.42
N PRO B 162 14.09 -22.83 4.74
CA PRO B 162 12.99 -23.13 5.67
C PRO B 162 11.78 -22.24 5.50
N TRP B 163 11.95 -21.00 5.02
CA TRP B 163 10.79 -20.14 4.84
C TRP B 163 9.94 -20.62 3.67
N PHE B 164 10.58 -20.99 2.55
CA PHE B 164 9.82 -21.56 1.44
C PHE B 164 9.18 -22.89 1.83
N GLU B 165 9.91 -23.72 2.59
CA GLU B 165 9.33 -24.98 3.03
C GLU B 165 8.04 -24.76 3.81
N GLY B 166 8.06 -23.82 4.76
CA GLY B 166 6.85 -23.53 5.50
C GLY B 166 5.76 -22.94 4.61
N MET B 167 6.16 -22.06 3.69
CA MET B 167 5.22 -21.42 2.77
C MET B 167 4.43 -22.44 2.00
N PHE B 168 5.06 -23.56 1.62
CA PHE B 168 4.43 -24.56 0.77
C PHE B 168 4.14 -25.86 1.50
N GLY B 169 4.02 -25.82 2.83
CA GLY B 169 3.68 -27.02 3.57
C GLY B 169 2.36 -27.60 3.09
N GLY B 170 2.36 -28.92 2.85
CA GLY B 170 1.22 -29.60 2.27
C GLY B 170 1.04 -29.41 0.78
N GLY B 171 1.83 -28.56 0.15
CA GLY B 171 1.57 -28.17 -1.22
C GLY B 171 2.08 -29.14 -2.26
N TYR B 172 3.19 -29.82 -1.98
CA TYR B 172 3.73 -30.76 -2.97
C TYR B 172 2.70 -31.82 -3.37
N GLU B 173 2.04 -32.43 -2.39
CA GLU B 173 1.08 -33.47 -2.72
C GLU B 173 -0.07 -32.90 -3.54
N LYS B 174 -0.50 -31.66 -3.24
CA LYS B 174 -1.56 -31.04 -4.02
C LYS B 174 -1.08 -30.74 -5.43
N SER B 175 0.18 -30.33 -5.57
CA SER B 175 0.72 -30.00 -6.90
C SER B 175 0.74 -31.20 -7.83
N LYS B 176 0.89 -32.41 -7.27
CA LYS B 176 0.88 -33.62 -8.05
C LYS B 176 -0.50 -33.95 -8.63
N GLU B 177 -1.58 -33.44 -8.04
CA GLU B 177 -2.92 -33.74 -8.50
C GLU B 177 -3.45 -32.73 -9.52
N LEU B 178 -2.76 -31.60 -9.71
CA LEU B 178 -3.35 -30.55 -10.54
C LEU B 178 -3.49 -30.98 -12.00
N SER B 179 -2.54 -31.73 -12.53
N SER B 179 -2.54 -31.74 -12.53
CA SER B 179 -2.60 -32.03 -13.95
CA SER B 179 -2.58 -32.04 -13.96
C SER B 179 -3.84 -32.83 -14.29
C SER B 179 -3.78 -32.89 -14.33
N GLY B 180 -4.10 -33.90 -13.53
CA GLY B 180 -5.27 -34.71 -13.80
C GLY B 180 -6.56 -33.92 -13.68
N LEU B 181 -6.64 -33.04 -12.69
CA LEU B 181 -7.86 -32.26 -12.50
C LEU B 181 -8.01 -31.18 -13.58
N TYR B 182 -6.91 -30.54 -14.01
CA TYR B 182 -6.98 -29.54 -15.06
C TYR B 182 -7.40 -30.17 -16.38
N LYS B 183 -6.92 -31.40 -16.67
CA LYS B 183 -7.38 -32.11 -17.85
C LYS B 183 -8.89 -32.34 -17.80
N ALA B 184 -9.39 -32.76 -16.64
CA ALA B 184 -10.82 -32.99 -16.51
C ALA B 184 -11.61 -31.69 -16.68
N LEU B 185 -11.11 -30.60 -16.08
CA LEU B 185 -11.70 -29.28 -16.28
C LEU B 185 -11.75 -28.90 -17.74
N ALA B 186 -10.62 -29.03 -18.45
CA ALA B 186 -10.56 -28.54 -19.82
C ALA B 186 -11.48 -29.34 -20.72
N ASP B 187 -11.61 -30.64 -20.47
CA ASP B 187 -12.54 -31.46 -21.23
C ASP B 187 -13.98 -31.01 -20.97
N PHE B 188 -14.30 -30.73 -19.72
CA PHE B 188 -15.66 -30.33 -19.35
C PHE B 188 -16.03 -28.99 -19.99
N MET B 189 -15.11 -28.04 -19.93
CA MET B 189 -15.34 -26.70 -20.44
C MET B 189 -15.06 -26.56 -21.93
N LYS B 190 -14.52 -27.62 -22.56
CA LYS B 190 -14.32 -27.69 -24.00
C LYS B 190 -13.23 -26.71 -24.46
N VAL B 191 -12.13 -26.65 -23.70
CA VAL B 191 -10.99 -25.84 -24.05
C VAL B 191 -9.75 -26.73 -24.16
N GLU B 192 -8.60 -26.12 -24.40
CA GLU B 192 -7.37 -26.87 -24.64
C GLU B 192 -6.58 -27.03 -23.35
N PHE B 193 -5.70 -28.05 -23.35
CA PHE B 193 -4.94 -28.43 -22.16
C PHE B 193 -3.55 -28.91 -22.52
N PHE B 194 -2.55 -28.48 -21.73
CA PHE B 194 -1.18 -28.93 -21.83
C PHE B 194 -0.64 -29.21 -20.44
N ALA B 195 -0.13 -30.43 -20.23
CA ALA B 195 0.52 -30.83 -18.98
C ALA B 195 2.03 -30.52 -19.03
N ALA B 196 2.45 -29.43 -18.38
CA ALA B 196 3.87 -29.05 -18.45
C ALA B 196 4.76 -30.11 -17.84
N GLY B 197 4.25 -30.86 -16.86
CA GLY B 197 5.05 -31.85 -16.17
C GLY B 197 5.44 -33.05 -17.03
N ASP B 198 4.84 -33.22 -18.21
CA ASP B 198 5.34 -34.24 -19.12
C ASP B 198 6.63 -33.81 -19.79
N CYS B 199 6.90 -32.51 -19.84
CA CYS B 199 8.03 -31.98 -20.60
C CYS B 199 9.13 -31.38 -19.76
N ILE B 200 8.82 -30.89 -18.55
CA ILE B 200 9.78 -30.24 -17.69
C ILE B 200 9.53 -30.66 -16.25
N SER B 201 10.52 -30.36 -15.41
CA SER B 201 10.40 -30.49 -13.96
C SER B 201 10.82 -29.19 -13.31
N THR B 202 10.45 -29.04 -12.04
CA THR B 202 10.81 -27.84 -11.28
C THR B 202 12.27 -28.02 -10.85
N ASP B 203 13.18 -27.35 -11.57
CA ASP B 203 14.60 -27.61 -11.45
C ASP B 203 15.39 -26.51 -10.75
N GLY B 204 14.75 -25.44 -10.30
CA GLY B 204 15.48 -24.38 -9.64
C GLY B 204 15.95 -24.78 -8.25
N ILE B 205 17.00 -24.10 -7.77
CA ILE B 205 17.60 -24.45 -6.48
C ILE B 205 16.58 -24.33 -5.34
N ASP B 206 15.60 -23.45 -5.48
CA ASP B 206 14.65 -23.23 -4.39
C ASP B 206 13.48 -24.22 -4.38
N GLY B 207 13.40 -25.12 -5.36
CA GLY B 207 12.34 -26.11 -5.42
C GLY B 207 11.00 -25.59 -5.91
N ILE B 208 10.96 -24.35 -6.42
CA ILE B 208 9.73 -23.69 -6.86
C ILE B 208 9.84 -23.15 -8.28
N HIS B 209 10.98 -22.56 -8.61
CA HIS B 209 11.16 -21.83 -9.85
C HIS B 209 12.04 -22.62 -10.82
N LEU B 210 12.25 -22.06 -12.01
CA LEU B 210 12.79 -22.80 -13.13
C LEU B 210 14.08 -22.18 -13.65
N SER B 211 14.94 -23.03 -14.21
CA SER B 211 16.14 -22.58 -14.90
C SER B 211 15.76 -22.00 -16.26
N ALA B 212 16.68 -21.22 -16.83
CA ALA B 212 16.46 -20.69 -18.18
C ALA B 212 16.32 -21.81 -19.18
N GLU B 213 17.16 -22.83 -19.10
N GLU B 213 17.17 -22.83 -19.10
CA GLU B 213 17.06 -23.93 -20.06
CA GLU B 213 17.07 -23.93 -20.06
C GLU B 213 15.69 -24.57 -20.00
C GLU B 213 15.68 -24.55 -20.01
N THR B 214 15.12 -24.71 -18.80
CA THR B 214 13.80 -25.29 -18.65
C THR B 214 12.68 -24.35 -19.14
N ASN B 215 12.81 -23.04 -18.87
CA ASN B 215 11.88 -22.09 -19.48
C ASN B 215 11.83 -22.23 -21.00
N ILE B 216 13.01 -22.32 -21.63
CA ILE B 216 13.08 -22.35 -23.08
C ILE B 216 12.46 -23.63 -23.61
N ARG B 217 12.72 -24.76 -22.95
CA ARG B 217 12.11 -26.01 -23.36
C ARG B 217 10.59 -25.95 -23.21
N LEU B 218 10.11 -25.31 -22.14
CA LEU B 218 8.67 -25.20 -21.94
C LEU B 218 8.05 -24.35 -23.03
N GLY B 219 8.64 -23.18 -23.30
CA GLY B 219 8.09 -22.30 -24.30
C GLY B 219 8.08 -22.95 -25.68
N HIS B 220 9.14 -23.69 -26.01
CA HIS B 220 9.14 -24.39 -27.29
C HIS B 220 8.03 -25.44 -27.35
N ALA B 221 7.78 -26.14 -26.24
CA ALA B 221 6.74 -27.15 -26.24
C ALA B 221 5.36 -26.51 -26.32
N ILE B 222 5.17 -25.38 -25.64
CA ILE B 222 3.89 -24.68 -25.75
C ILE B 222 3.69 -24.13 -27.15
N ALA B 223 4.76 -23.60 -27.76
CA ALA B 223 4.66 -23.12 -29.13
C ALA B 223 4.18 -24.21 -30.07
N ASP B 224 4.70 -25.42 -29.92
CA ASP B 224 4.24 -26.52 -30.78
C ASP B 224 2.75 -26.78 -30.57
N LYS B 225 2.28 -26.73 -29.32
CA LYS B 225 0.86 -26.90 -29.05
C LYS B 225 0.02 -25.79 -29.68
N VAL B 226 0.47 -24.53 -29.55
CA VAL B 226 -0.29 -23.40 -30.05
C VAL B 226 -0.43 -23.47 -31.57
N ALA B 227 0.67 -23.76 -32.26
CA ALA B 227 0.65 -23.79 -33.72
C ALA B 227 -0.35 -24.81 -34.22
N ALA B 228 -0.45 -25.95 -33.52
CA ALA B 228 -1.38 -26.99 -33.93
C ALA B 228 -2.83 -26.58 -33.74
N LEU B 229 -3.10 -25.45 -33.09
CA LEU B 229 -4.45 -24.95 -32.91
C LEU B 229 -4.92 -24.07 -34.07
N PHE B 230 -4.01 -23.56 -34.89
CA PHE B 230 -4.36 -22.61 -35.94
C PHE B 230 -3.98 -23.14 -37.32
N LYS C 16 20.94 12.10 15.36
CA LYS C 16 20.20 11.22 16.25
C LYS C 16 19.52 10.10 15.48
N ARG C 17 19.49 8.91 16.07
CA ARG C 17 18.78 7.78 15.49
C ARG C 17 17.47 7.57 16.22
N SER C 18 16.40 7.35 15.47
CA SER C 18 15.07 7.12 16.02
C SER C 18 14.70 5.64 15.86
N VAL C 19 14.19 5.04 16.94
CA VAL C 19 13.84 3.63 16.99
C VAL C 19 12.39 3.49 17.46
N LEU C 20 11.54 2.90 16.61
CA LEU C 20 10.15 2.63 16.94
C LEU C 20 9.99 1.21 17.48
N CYS C 21 9.41 1.09 18.67
CA CYS C 21 9.21 -0.21 19.33
C CYS C 21 7.74 -0.60 19.26
N PHE C 22 7.42 -1.56 18.39
CA PHE C 22 6.03 -1.94 18.12
C PHE C 22 5.72 -3.29 18.74
N GLY C 23 4.75 -3.34 19.65
CA GLY C 23 4.53 -4.57 20.37
C GLY C 23 3.18 -4.64 21.09
N ASP C 24 3.08 -5.66 21.96
CA ASP C 24 1.87 -5.95 22.72
C ASP C 24 2.07 -5.59 24.20
N SER C 25 1.44 -6.33 25.11
N SER C 25 1.43 -6.32 25.12
CA SER C 25 1.56 -6.05 26.54
CA SER C 25 1.59 -6.04 26.54
C SER C 25 2.99 -6.23 27.06
C SER C 25 3.04 -6.13 26.99
N LEU C 26 3.83 -7.03 26.39
CA LEU C 26 5.21 -7.15 26.81
C LEU C 26 5.95 -5.84 26.56
N THR C 27 5.50 -5.06 25.57
CA THR C 27 6.09 -3.77 25.24
C THR C 27 5.41 -2.62 25.99
N TRP C 28 4.08 -2.64 26.06
CA TRP C 28 3.36 -1.68 26.91
C TRP C 28 3.87 -1.73 28.35
N GLY C 29 4.06 -2.92 28.88
CA GLY C 29 4.61 -3.06 30.22
C GLY C 29 3.56 -3.50 31.23
N TRP C 30 2.86 -4.59 30.91
CA TRP C 30 1.85 -5.17 31.78
C TRP C 30 2.51 -5.83 32.99
N ILE C 31 2.12 -5.40 34.19
CA ILE C 31 2.65 -5.99 35.43
C ILE C 31 1.88 -7.27 35.77
N PRO C 32 2.51 -8.43 35.81
CA PRO C 32 1.76 -9.64 36.18
C PRO C 32 1.29 -9.57 37.62
N VAL C 33 0.05 -9.97 37.85
N VAL C 33 0.04 -9.97 37.85
CA VAL C 33 -0.58 -9.84 39.17
CA VAL C 33 -0.61 -9.83 39.15
C VAL C 33 -1.43 -11.06 39.45
C VAL C 33 -1.41 -11.08 39.45
N LYS C 34 -1.54 -11.40 40.74
CA LYS C 34 -2.20 -12.64 41.14
C LYS C 34 -3.68 -12.68 40.76
N GLU C 35 -4.36 -11.53 40.74
CA GLU C 35 -5.75 -11.46 40.32
C GLU C 35 -5.92 -11.44 38.78
N SER C 36 -4.82 -11.58 38.04
CA SER C 36 -4.82 -11.70 36.59
C SER C 36 -5.10 -10.38 35.87
N SER C 37 -6.18 -9.69 36.23
CA SER C 37 -6.61 -8.51 35.49
C SER C 37 -7.68 -7.84 36.34
N PRO C 38 -7.73 -6.50 36.34
CA PRO C 38 -6.89 -5.56 35.60
C PRO C 38 -5.55 -5.31 36.28
N THR C 39 -4.66 -4.56 35.63
CA THR C 39 -3.33 -4.33 36.20
C THR C 39 -2.84 -2.93 35.82
N LEU C 40 -1.70 -2.56 36.40
CA LEU C 40 -1.01 -1.31 36.14
C LEU C 40 0.18 -1.52 35.22
N ARG C 41 0.78 -0.39 34.82
CA ARG C 41 1.88 -0.34 33.86
C ARG C 41 3.22 -0.14 34.57
N TYR C 42 4.25 -0.86 34.12
CA TYR C 42 5.60 -0.63 34.61
C TYR C 42 6.01 0.81 34.29
N PRO C 43 6.72 1.48 35.20
CA PRO C 43 7.33 2.75 34.80
C PRO C 43 8.36 2.53 33.70
N TYR C 44 8.64 3.60 32.98
CA TYR C 44 9.49 3.53 31.79
C TYR C 44 10.81 2.81 32.05
N GLU C 45 11.46 3.13 33.17
CA GLU C 45 12.77 2.52 33.43
C GLU C 45 12.68 1.04 33.78
N GLN C 46 11.49 0.50 33.97
CA GLN C 46 11.29 -0.93 34.20
C GLN C 46 10.64 -1.63 33.01
N ARG C 47 10.45 -0.91 31.90
CA ARG C 47 10.03 -1.50 30.63
C ARG C 47 11.26 -1.86 29.78
N TRP C 48 11.11 -2.83 28.88
CA TRP C 48 12.28 -3.17 28.07
C TRP C 48 12.69 -2.00 27.19
N THR C 49 11.71 -1.21 26.76
CA THR C 49 11.99 -0.03 25.92
C THR C 49 12.85 0.97 26.67
N GLY C 50 12.48 1.27 27.91
CA GLY C 50 13.25 2.22 28.71
C GLY C 50 14.65 1.72 29.03
N ALA C 51 14.76 0.44 29.35
CA ALA C 51 16.08 -0.14 29.64
C ALA C 51 16.94 -0.15 28.39
N MET C 52 16.34 -0.42 27.24
CA MET C 52 17.08 -0.35 25.98
C MET C 52 17.54 1.08 25.72
N ALA C 53 16.65 2.06 25.96
CA ALA C 53 17.04 3.46 25.72
C ALA C 53 18.19 3.88 26.63
N ALA C 54 18.16 3.45 27.90
CA ALA C 54 19.24 3.79 28.82
C ALA C 54 20.58 3.28 28.32
N ARG C 55 20.60 2.05 27.81
CA ARG C 55 21.85 1.48 27.36
C ARG C 55 22.32 2.08 26.04
N LEU C 56 21.38 2.43 25.15
CA LEU C 56 21.75 3.00 23.85
C LEU C 56 22.31 4.41 23.99
N GLY C 57 21.78 5.21 24.92
CA GLY C 57 22.30 6.54 25.17
C GLY C 57 21.55 7.63 24.42
N ASP C 58 22.04 8.86 24.61
CA ASP C 58 21.38 10.06 24.12
C ASP C 58 21.48 10.27 22.62
N GLY C 59 22.21 9.42 21.89
CA GLY C 59 22.17 9.45 20.45
C GLY C 59 20.98 8.77 19.84
N TYR C 60 20.08 8.24 20.67
CA TYR C 60 18.91 7.53 20.20
C TYR C 60 17.66 8.11 20.82
N HIS C 61 16.60 8.10 20.03
CA HIS C 61 15.28 8.53 20.46
C HIS C 61 14.35 7.32 20.32
N ILE C 62 13.81 6.84 21.43
CA ILE C 62 12.97 5.65 21.42
C ILE C 62 11.51 6.09 21.39
N ILE C 63 10.73 5.46 20.51
CA ILE C 63 9.30 5.71 20.37
C ILE C 63 8.57 4.44 20.74
N GLU C 64 7.65 4.53 21.70
CA GLU C 64 6.93 3.38 22.22
C GLU C 64 5.55 3.29 21.57
N GLU C 65 5.27 2.14 20.94
CA GLU C 65 3.94 1.81 20.44
C GLU C 65 3.59 0.37 20.87
N GLY C 66 3.34 0.19 22.17
CA GLY C 66 2.92 -1.09 22.73
C GLY C 66 1.45 -1.06 23.11
N LEU C 67 0.73 -2.10 22.72
CA LEU C 67 -0.71 -2.20 22.92
C LEU C 67 -1.06 -3.59 23.47
N SER C 68 -1.58 -3.65 24.69
CA SER C 68 -1.96 -4.95 25.23
C SER C 68 -2.96 -5.65 24.31
N ALA C 69 -2.78 -6.96 24.18
CA ALA C 69 -3.63 -7.88 23.40
C ALA C 69 -3.44 -7.74 21.88
N ARG C 70 -2.48 -6.93 21.42
CA ARG C 70 -2.27 -6.74 19.99
C ARG C 70 -1.77 -8.01 19.31
N THR C 71 -2.33 -8.29 18.12
CA THR C 71 -1.91 -9.39 17.26
C THR C 71 -1.07 -8.86 16.09
N THR C 72 -0.46 -9.79 15.35
CA THR C 72 0.27 -9.38 14.15
C THR C 72 -0.68 -8.80 13.11
N SER C 73 -1.71 -9.55 12.75
CA SER C 73 -2.54 -9.22 11.60
C SER C 73 -3.94 -9.80 11.71
N LEU C 74 -4.44 -9.99 12.93
CA LEU C 74 -5.75 -10.61 13.15
C LEU C 74 -6.70 -9.61 13.78
N ASP C 75 -7.93 -9.61 13.30
CA ASP C 75 -8.99 -8.87 13.99
C ASP C 75 -9.48 -9.69 15.19
N ASP C 76 -9.44 -9.09 16.38
CA ASP C 76 -9.94 -9.73 17.60
C ASP C 76 -11.46 -9.58 17.68
N PRO C 77 -12.20 -10.64 18.01
CA PRO C 77 -13.66 -10.55 17.97
C PRO C 77 -14.24 -9.54 18.93
N ASN C 78 -13.56 -9.23 20.02
CA ASN C 78 -14.13 -8.41 21.07
C ASN C 78 -13.54 -7.01 21.14
N ASP C 79 -12.57 -6.66 20.29
CA ASP C 79 -11.90 -5.37 20.44
C ASP C 79 -11.33 -4.97 19.09
N ALA C 80 -11.83 -3.86 18.54
CA ALA C 80 -11.45 -3.39 17.22
C ALA C 80 -10.04 -2.80 17.17
N ARG C 81 -9.35 -2.69 18.31
CA ARG C 81 -8.10 -1.96 18.40
C ARG C 81 -6.86 -2.80 18.15
N LEU C 82 -7.01 -4.12 17.98
CA LEU C 82 -5.92 -5.05 18.29
C LEU C 82 -5.16 -5.59 17.09
N ASN C 83 -5.55 -5.28 15.86
CA ASN C 83 -4.84 -5.77 14.68
C ASN C 83 -3.62 -4.88 14.45
N GLY C 84 -2.42 -5.42 14.66
CA GLY C 84 -1.22 -4.61 14.55
C GLY C 84 -1.02 -4.04 13.14
N SER C 85 -1.30 -4.87 12.13
CA SER C 85 -1.12 -4.47 10.74
C SER C 85 -2.08 -3.36 10.31
N THR C 86 -3.21 -3.19 11.02
CA THR C 86 -4.11 -2.10 10.70
C THR C 86 -3.51 -0.75 11.11
N TYR C 87 -2.70 -0.72 12.17
CA TYR C 87 -2.16 0.51 12.77
C TYR C 87 -0.73 0.82 12.33
N LEU C 88 0.06 -0.18 11.97
CA LEU C 88 1.48 0.09 11.76
C LEU C 88 1.76 1.09 10.64
N PRO C 89 1.13 1.01 9.46
CA PRO C 89 1.41 2.06 8.45
C PRO C 89 1.20 3.47 8.93
N MET C 90 0.11 3.72 9.65
CA MET C 90 -0.13 5.06 10.22
C MET C 90 0.96 5.45 11.21
N ALA C 91 1.37 4.51 12.07
CA ALA C 91 2.40 4.84 13.05
C ALA C 91 3.74 5.14 12.37
N LEU C 92 4.09 4.38 11.34
CA LEU C 92 5.34 4.65 10.64
C LEU C 92 5.35 6.07 10.08
N ALA C 93 4.28 6.46 9.38
CA ALA C 93 4.23 7.76 8.76
C ALA C 93 4.24 8.88 9.80
N SER C 94 3.71 8.61 10.98
CA SER C 94 3.66 9.61 12.05
C SER C 94 5.02 9.83 12.69
N HIS C 95 5.94 8.86 12.58
CA HIS C 95 7.19 8.92 13.32
C HIS C 95 8.41 9.03 12.45
N LEU C 96 8.26 9.11 11.13
CA LEU C 96 9.43 9.36 10.28
C LEU C 96 10.06 10.70 10.67
N PRO C 97 11.39 10.82 10.54
CA PRO C 97 12.38 9.83 10.08
C PRO C 97 12.64 8.73 11.10
N LEU C 98 12.75 7.49 10.63
CA LEU C 98 13.03 6.34 11.48
C LEU C 98 14.27 5.62 10.99
N ASP C 99 15.14 5.22 11.91
CA ASP C 99 16.28 4.41 11.53
C ASP C 99 16.02 2.92 11.67
N LEU C 100 15.14 2.53 12.60
CA LEU C 100 14.92 1.13 12.91
C LEU C 100 13.51 0.98 13.51
N VAL C 101 12.83 -0.10 13.13
CA VAL C 101 11.58 -0.51 13.75
C VAL C 101 11.82 -1.89 14.37
N ILE C 102 11.59 -2.00 15.67
CA ILE C 102 11.68 -3.28 16.39
C ILE C 102 10.26 -3.79 16.56
N ILE C 103 10.00 -5.04 16.18
CA ILE C 103 8.66 -5.62 16.24
C ILE C 103 8.71 -6.86 17.10
N MET C 104 8.00 -6.84 18.24
CA MET C 104 7.87 -8.02 19.09
C MET C 104 6.38 -8.33 19.25
N LEU C 105 5.88 -9.25 18.42
CA LEU C 105 4.47 -9.63 18.41
C LEU C 105 4.38 -11.10 18.06
N GLY C 106 3.19 -11.66 18.30
CA GLY C 106 2.90 -13.04 17.93
C GLY C 106 2.27 -13.84 19.04
N THR C 107 2.58 -13.48 20.28
CA THR C 107 2.04 -14.21 21.41
C THR C 107 0.50 -14.24 21.36
N ASN C 108 -0.13 -13.11 21.05
CA ASN C 108 -1.59 -13.08 21.09
C ASN C 108 -2.23 -13.85 19.94
N ASP C 109 -1.51 -14.01 18.85
CA ASP C 109 -1.98 -14.83 17.75
C ASP C 109 -2.13 -16.30 18.16
N THR C 110 -1.50 -16.74 19.25
CA THR C 110 -1.58 -18.12 19.70
C THR C 110 -2.81 -18.42 20.52
N LYS C 111 -3.64 -17.41 20.80
CA LYS C 111 -4.83 -17.63 21.60
C LYS C 111 -5.77 -18.64 20.93
N SER C 112 -6.52 -19.35 21.78
CA SER C 112 -7.30 -20.50 21.32
C SER C 112 -8.31 -20.10 20.24
N TYR C 113 -9.02 -19.00 20.45
CA TYR C 113 -10.12 -18.62 19.55
C TYR C 113 -9.64 -18.11 18.19
N PHE C 114 -8.34 -17.90 18.00
CA PHE C 114 -7.85 -17.50 16.68
C PHE C 114 -7.53 -18.67 15.75
N HIS C 115 -7.24 -19.86 16.31
CA HIS C 115 -7.02 -21.07 15.51
C HIS C 115 -5.99 -20.87 14.39
N ARG C 116 -4.88 -20.20 14.71
CA ARG C 116 -3.82 -19.93 13.75
C ARG C 116 -2.68 -20.94 13.90
N THR C 117 -2.11 -21.36 12.77
CA THR C 117 -0.92 -22.20 12.80
C THR C 117 0.30 -21.33 13.04
N PRO C 118 1.40 -21.90 13.54
CA PRO C 118 2.62 -21.11 13.70
C PRO C 118 3.07 -20.44 12.42
N TYR C 119 2.99 -21.11 11.28
CA TYR C 119 3.41 -20.45 10.05
C TYR C 119 2.57 -19.22 9.76
N GLU C 120 1.25 -19.30 9.95
CA GLU C 120 0.39 -18.14 9.74
C GLU C 120 0.75 -16.98 10.66
N ILE C 121 1.19 -17.27 11.89
CA ILE C 121 1.64 -16.20 12.79
C ILE C 121 2.89 -15.54 12.23
N ALA C 122 3.86 -16.34 11.83
CA ALA C 122 5.08 -15.80 11.23
C ALA C 122 4.76 -15.03 9.95
N ASN C 123 3.80 -15.53 9.16
CA ASN C 123 3.39 -14.79 7.96
C ASN C 123 2.75 -13.44 8.30
N GLY C 124 2.07 -13.36 9.45
CA GLY C 124 1.57 -12.08 9.90
C GLY C 124 2.69 -11.14 10.30
N MET C 125 3.72 -11.67 10.96
CA MET C 125 4.91 -10.87 11.21
C MET C 125 5.51 -10.40 9.89
N GLY C 126 5.52 -11.27 8.87
CA GLY C 126 6.00 -10.88 7.58
C GLY C 126 5.21 -9.74 6.97
N LYS C 127 3.90 -9.72 7.17
CA LYS C 127 3.11 -8.59 6.70
C LYS C 127 3.62 -7.30 7.33
N LEU C 128 3.91 -7.33 8.62
CA LEU C 128 4.40 -6.14 9.31
C LEU C 128 5.78 -5.72 8.80
N VAL C 129 6.68 -6.67 8.60
CA VAL C 129 7.99 -6.36 8.06
C VAL C 129 7.85 -5.67 6.70
N GLY C 130 6.96 -6.17 5.85
CA GLY C 130 6.77 -5.56 4.54
C GLY C 130 6.24 -4.15 4.64
N GLN C 131 5.37 -3.88 5.63
CA GLN C 131 4.87 -2.53 5.82
C GLN C 131 5.99 -1.56 6.16
N VAL C 132 6.99 -2.01 6.91
CA VAL C 132 8.14 -1.16 7.19
C VAL C 132 8.99 -0.96 5.93
N LEU C 133 9.29 -2.06 5.23
CA LEU C 133 10.20 -2.00 4.09
C LEU C 133 9.65 -1.16 2.97
N THR C 134 8.33 -0.99 2.88
CA THR C 134 7.71 -0.22 1.81
C THR C 134 7.26 1.17 2.25
N CYS C 135 7.65 1.63 3.45
CA CYS C 135 7.11 2.87 3.98
C CYS C 135 7.90 4.12 3.59
N ALA C 136 8.94 3.99 2.77
CA ALA C 136 9.78 5.15 2.42
C ALA C 136 8.90 6.29 1.97
N GLY C 137 9.27 7.50 2.42
CA GLY C 137 8.60 8.72 2.03
C GLY C 137 7.49 9.15 2.97
N GLY C 138 6.79 8.20 3.59
CA GLY C 138 5.69 8.56 4.46
C GLY C 138 4.68 9.40 3.71
N VAL C 139 4.28 10.51 4.33
CA VAL C 139 3.44 11.52 3.70
C VAL C 139 4.37 12.69 3.38
N GLY C 140 4.83 12.76 2.12
CA GLY C 140 5.52 13.94 1.63
C GLY C 140 6.93 14.20 2.14
N THR C 141 7.70 13.16 2.47
CA THR C 141 9.08 13.33 2.92
C THR C 141 10.04 12.59 1.99
N PRO C 142 11.33 12.94 2.04
CA PRO C 142 12.36 12.18 1.31
C PRO C 142 13.02 11.08 2.13
N TYR C 143 12.49 10.76 3.29
CA TYR C 143 13.18 9.86 4.21
C TYR C 143 13.12 8.42 3.73
N PRO C 144 14.21 7.66 3.90
CA PRO C 144 14.23 6.26 3.45
C PRO C 144 13.51 5.34 4.41
N ALA C 145 13.29 4.12 3.95
CA ALA C 145 12.73 3.10 4.81
C ALA C 145 13.70 2.77 5.94
N PRO C 146 13.22 2.52 7.14
CA PRO C 146 14.11 2.08 8.21
C PRO C 146 14.44 0.60 8.06
N LYS C 147 15.45 0.20 8.83
CA LYS C 147 15.77 -1.19 9.05
C LYS C 147 14.72 -1.81 9.97
N VAL C 148 14.71 -3.15 10.00
CA VAL C 148 13.74 -3.93 10.79
C VAL C 148 14.49 -4.91 11.68
N LEU C 149 14.09 -4.97 12.94
CA LEU C 149 14.52 -6.03 13.85
C LEU C 149 13.29 -6.81 14.27
N VAL C 150 13.18 -8.03 13.79
CA VAL C 150 12.13 -8.95 14.21
C VAL C 150 12.54 -9.61 15.51
N VAL C 151 11.68 -9.54 16.54
CA VAL C 151 11.94 -10.18 17.83
C VAL C 151 10.92 -11.28 18.07
N ALA C 152 11.40 -12.51 18.23
CA ALA C 152 10.51 -13.57 18.66
C ALA C 152 10.27 -13.45 20.16
N PRO C 153 9.02 -13.44 20.62
CA PRO C 153 8.77 -13.34 22.05
C PRO C 153 9.19 -14.63 22.75
N PRO C 154 9.40 -14.60 24.07
CA PRO C 154 9.72 -15.83 24.78
C PRO C 154 8.50 -16.75 24.81
N PRO C 155 8.71 -18.07 24.87
CA PRO C 155 7.56 -18.97 24.97
C PRO C 155 6.70 -18.72 26.19
N LEU C 156 5.41 -19.07 26.07
CA LEU C 156 4.48 -19.03 27.18
C LEU C 156 4.88 -20.04 28.25
N ALA C 157 4.35 -19.83 29.45
CA ALA C 157 4.55 -20.74 30.58
C ALA C 157 3.20 -21.22 31.13
N PRO C 158 3.20 -22.20 32.04
CA PRO C 158 1.93 -22.61 32.66
C PRO C 158 1.25 -21.44 33.31
N MET C 159 -0.08 -21.44 33.25
N MET C 159 -0.09 -21.46 33.29
CA MET C 159 -0.88 -20.33 33.72
CA MET C 159 -0.93 -20.34 33.69
C MET C 159 -1.80 -20.80 34.83
C MET C 159 -1.86 -20.76 34.81
N PRO C 160 -1.76 -20.18 36.02
CA PRO C 160 -2.64 -20.62 37.11
C PRO C 160 -4.08 -20.18 36.98
N ASP C 161 -4.36 -19.13 36.24
CA ASP C 161 -5.72 -18.65 36.16
C ASP C 161 -6.49 -19.41 35.10
N PRO C 162 -7.67 -19.97 35.41
CA PRO C 162 -8.38 -20.75 34.38
C PRO C 162 -8.84 -19.94 33.19
N TRP C 163 -9.13 -18.65 33.35
CA TRP C 163 -9.54 -17.86 32.18
C TRP C 163 -8.37 -17.69 31.20
N PHE C 164 -7.20 -17.34 31.73
CA PHE C 164 -5.99 -17.28 30.89
C PHE C 164 -5.63 -18.63 30.29
N GLU C 165 -5.74 -19.72 31.06
CA GLU C 165 -5.45 -21.03 30.50
C GLU C 165 -6.36 -21.35 29.31
N GLY C 166 -7.65 -21.06 29.44
CA GLY C 166 -8.56 -21.22 28.30
C GLY C 166 -8.21 -20.28 27.16
N MET C 167 -7.85 -19.04 27.47
CA MET C 167 -7.52 -18.05 26.46
C MET C 167 -6.35 -18.50 25.58
N PHE C 168 -5.38 -19.22 26.16
CA PHE C 168 -4.18 -19.65 25.45
C PHE C 168 -4.13 -21.16 25.21
N GLY C 169 -5.27 -21.84 25.27
CA GLY C 169 -5.31 -23.27 24.99
C GLY C 169 -4.70 -23.58 23.62
N GLY C 170 -3.79 -24.55 23.57
CA GLY C 170 -3.05 -24.85 22.37
C GLY C 170 -1.93 -23.88 22.03
N GLY C 171 -1.80 -22.77 22.76
CA GLY C 171 -0.85 -21.75 22.39
C GLY C 171 0.59 -22.02 22.77
N TYR C 172 0.84 -22.80 23.81
CA TYR C 172 2.21 -22.99 24.25
C TYR C 172 3.08 -23.55 23.14
N GLU C 173 2.64 -24.63 22.50
CA GLU C 173 3.44 -25.25 21.44
C GLU C 173 3.65 -24.27 20.29
N LYS C 174 2.63 -23.48 19.98
CA LYS C 174 2.78 -22.50 18.92
C LYS C 174 3.83 -21.46 19.28
N SER C 175 3.82 -21.01 20.53
CA SER C 175 4.77 -19.98 20.95
C SER C 175 6.18 -20.51 20.90
N LYS C 176 6.38 -21.84 21.09
CA LYS C 176 7.72 -22.42 21.03
C LYS C 176 8.26 -22.47 19.60
N GLU C 177 7.37 -22.50 18.60
CA GLU C 177 7.80 -22.58 17.20
C GLU C 177 8.11 -21.22 16.59
N LEU C 178 7.75 -20.12 17.24
CA LEU C 178 7.89 -18.82 16.61
C LEU C 178 9.36 -18.45 16.39
N SER C 179 10.24 -18.77 17.32
CA SER C 179 11.64 -18.37 17.17
C SER C 179 12.23 -18.87 15.86
N GLY C 180 12.11 -20.19 15.61
CA GLY C 180 12.67 -20.74 14.40
C GLY C 180 12.04 -20.15 13.14
N LEU C 181 10.72 -19.99 13.15
CA LEU C 181 10.02 -19.47 11.98
C LEU C 181 10.33 -18.00 11.75
N TYR C 182 10.43 -17.20 12.82
CA TYR C 182 10.79 -15.80 12.66
C TYR C 182 12.22 -15.66 12.16
N LYS C 183 13.11 -16.55 12.56
CA LYS C 183 14.48 -16.51 12.04
C LYS C 183 14.47 -16.80 10.54
N ALA C 184 13.71 -17.81 10.12
CA ALA C 184 13.58 -18.12 8.70
C ALA C 184 12.99 -16.96 7.93
N LEU C 185 11.97 -16.30 8.50
CA LEU C 185 11.36 -15.14 7.86
C LEU C 185 12.36 -14.02 7.71
N ALA C 186 13.08 -13.70 8.79
CA ALA C 186 13.99 -12.56 8.76
C ALA C 186 15.12 -12.79 7.77
N ASP C 187 15.61 -14.02 7.69
CA ASP C 187 16.64 -14.32 6.71
C ASP C 187 16.11 -14.12 5.30
N PHE C 188 14.89 -14.60 5.04
CA PHE C 188 14.29 -14.53 3.72
C PHE C 188 14.07 -13.08 3.29
N MET C 189 13.57 -12.25 4.20
CA MET C 189 13.29 -10.85 3.90
C MET C 189 14.50 -9.94 4.07
N LYS C 190 15.63 -10.50 4.50
CA LYS C 190 16.90 -9.78 4.60
C LYS C 190 16.83 -8.64 5.63
N VAL C 191 16.21 -8.93 6.76
CA VAL C 191 16.18 -8.03 7.91
C VAL C 191 16.84 -8.70 9.12
N GLU C 192 16.83 -8.02 10.25
CA GLU C 192 17.55 -8.51 11.43
C GLU C 192 16.61 -9.30 12.33
N PHE C 193 17.20 -10.17 13.15
CA PHE C 193 16.44 -11.07 14.02
C PHE C 193 17.06 -11.17 15.40
N PHE C 194 16.20 -11.28 16.42
CA PHE C 194 16.64 -11.52 17.79
C PHE C 194 15.63 -12.43 18.48
N ALA C 195 16.09 -13.51 19.09
CA ALA C 195 15.21 -14.42 19.82
C ALA C 195 15.21 -14.02 21.29
N ALA C 196 14.09 -13.45 21.77
CA ALA C 196 14.02 -13.07 23.17
C ALA C 196 14.24 -14.26 24.09
N GLY C 197 13.79 -15.45 23.68
CA GLY C 197 13.87 -16.64 24.51
C GLY C 197 15.27 -17.17 24.69
N ASP C 198 16.23 -16.69 23.89
CA ASP C 198 17.63 -17.02 24.10
C ASP C 198 18.22 -16.26 25.27
N CYS C 199 17.58 -15.18 25.71
N CYS C 199 17.52 -15.24 25.75
CA CYS C 199 18.09 -14.38 26.82
CA CYS C 199 18.03 -14.30 26.73
C CYS C 199 17.20 -14.39 28.05
C CYS C 199 17.18 -14.18 27.97
N ILE C 200 15.88 -14.48 27.87
CA ILE C 200 14.93 -14.39 28.99
C ILE C 200 13.92 -15.52 28.85
N SER C 201 13.13 -15.68 29.91
CA SER C 201 11.97 -16.56 29.88
C SER C 201 10.76 -15.76 30.38
N THR C 202 9.58 -16.28 30.06
CA THR C 202 8.35 -15.72 30.62
C THR C 202 8.29 -16.10 32.08
N ASP C 203 8.48 -15.11 32.97
CA ASP C 203 8.65 -15.36 34.40
C ASP C 203 7.57 -14.77 35.30
N GLY C 204 6.56 -14.11 34.74
CA GLY C 204 5.49 -13.56 35.55
C GLY C 204 4.55 -14.62 36.09
N ILE C 205 3.91 -14.27 37.22
CA ILE C 205 3.08 -15.24 37.93
C ILE C 205 1.96 -15.77 37.03
N ASP C 206 1.52 -14.97 36.06
CA ASP C 206 0.39 -15.35 35.22
C ASP C 206 0.78 -16.28 34.07
N GLY C 207 2.07 -16.52 33.83
CA GLY C 207 2.51 -17.35 32.73
C GLY C 207 2.56 -16.67 31.39
N ILE C 208 2.36 -15.34 31.34
CA ILE C 208 2.27 -14.58 30.10
C ILE C 208 3.21 -13.38 30.11
N HIS C 209 3.23 -12.65 31.23
CA HIS C 209 3.94 -11.38 31.28
C HIS C 209 5.26 -11.53 32.04
N LEU C 210 6.00 -10.40 32.15
CA LEU C 210 7.38 -10.42 32.60
C LEU C 210 7.59 -9.55 33.84
N SER C 211 8.60 -9.92 34.62
CA SER C 211 9.06 -9.13 35.75
C SER C 211 9.88 -7.95 35.26
N ALA C 212 10.02 -6.93 36.12
CA ALA C 212 10.85 -5.78 35.79
C ALA C 212 12.29 -6.20 35.49
N GLU C 213 12.85 -7.08 36.33
CA GLU C 213 14.22 -7.51 36.13
C GLU C 213 14.39 -8.17 34.77
N THR C 214 13.40 -8.95 34.34
CA THR C 214 13.50 -9.56 33.02
C THR C 214 13.32 -8.53 31.90
N ASN C 215 12.41 -7.55 32.08
CA ASN C 215 12.31 -6.46 31.11
C ASN C 215 13.64 -5.75 30.93
N ILE C 216 14.36 -5.52 32.04
CA ILE C 216 15.63 -4.80 31.99
C ILE C 216 16.68 -5.64 31.29
N ARG C 217 16.76 -6.93 31.61
CA ARG C 217 17.72 -7.78 30.91
C ARG C 217 17.42 -7.81 29.41
N LEU C 218 16.14 -7.93 29.05
CA LEU C 218 15.76 -7.97 27.65
C LEU C 218 16.14 -6.69 26.93
N GLY C 219 15.85 -5.53 27.53
CA GLY C 219 16.16 -4.26 26.87
C GLY C 219 17.66 -4.05 26.71
N HIS C 220 18.45 -4.44 27.71
CA HIS C 220 19.89 -4.34 27.56
C HIS C 220 20.37 -5.19 26.39
N ALA C 221 19.82 -6.41 26.24
CA ALA C 221 20.29 -7.30 25.19
C ALA C 221 19.87 -6.79 23.81
N ILE C 222 18.66 -6.24 23.71
CA ILE C 222 18.21 -5.68 22.45
C ILE C 222 19.05 -4.46 22.09
N ALA C 223 19.43 -3.67 23.10
CA ALA C 223 20.30 -2.51 22.88
C ALA C 223 21.61 -2.92 22.24
N ASP C 224 22.21 -4.03 22.67
CA ASP C 224 23.47 -4.45 22.08
C ASP C 224 23.28 -4.89 20.64
N LYS C 225 22.16 -5.54 20.34
CA LYS C 225 21.83 -5.89 18.97
C LYS C 225 21.68 -4.65 18.11
N VAL C 226 20.97 -3.64 18.63
CA VAL C 226 20.70 -2.41 17.88
C VAL C 226 22.00 -1.66 17.60
N ALA C 227 22.85 -1.50 18.61
CA ALA C 227 24.08 -0.74 18.42
C ALA C 227 24.98 -1.36 17.36
N ALA C 228 24.91 -2.68 17.19
CA ALA C 228 25.77 -3.38 16.25
C ALA C 228 25.17 -3.54 14.86
N LEU C 229 23.85 -3.38 14.71
CA LEU C 229 23.21 -3.61 13.42
C LEU C 229 23.29 -2.40 12.49
N PHE C 230 23.86 -1.30 12.98
CA PHE C 230 24.31 -0.18 12.13
C PHE C 230 25.22 0.69 12.98
N LYS D 16 5.07 11.15 36.57
CA LYS D 16 4.90 12.36 35.78
C LYS D 16 3.51 12.43 35.19
N ARG D 17 3.12 13.60 34.70
CA ARG D 17 1.85 13.74 34.01
C ARG D 17 2.06 13.51 32.51
N SER D 18 1.32 12.55 31.96
CA SER D 18 1.49 12.19 30.55
C SER D 18 0.52 12.99 29.69
N VAL D 19 1.04 13.59 28.61
CA VAL D 19 0.26 14.43 27.69
C VAL D 19 0.44 13.89 26.28
N LEU D 20 -0.63 13.38 25.70
N LEU D 20 -0.62 13.37 25.69
CA LEU D 20 -0.64 12.94 24.32
CA LEU D 20 -0.58 12.92 24.31
C LEU D 20 -1.01 14.10 23.41
C LEU D 20 -1.03 14.04 23.38
N CYS D 21 -0.20 14.33 22.37
CA CYS D 21 -0.40 15.42 21.42
C CYS D 21 -0.78 14.83 20.06
N PHE D 22 -2.05 14.99 19.68
CA PHE D 22 -2.63 14.32 18.51
C PHE D 22 -2.93 15.38 17.46
N GLY D 23 -2.29 15.26 16.29
CA GLY D 23 -2.42 16.30 15.29
C GLY D 23 -1.99 15.86 13.90
N ASP D 24 -1.81 16.85 13.02
CA ASP D 24 -1.47 16.70 11.62
C ASP D 24 -0.04 17.21 11.39
N SER D 25 0.23 17.79 10.19
N SER D 25 0.23 17.79 10.21
CA SER D 25 1.60 18.25 9.92
CA SER D 25 1.58 18.24 9.90
C SER D 25 2.02 19.36 10.85
C SER D 25 2.03 19.37 10.83
N LEU D 26 1.08 20.15 11.36
CA LEU D 26 1.47 21.22 12.27
C LEU D 26 2.07 20.65 13.54
N THR D 27 1.66 19.43 13.92
CA THR D 27 2.18 18.73 15.08
C THR D 27 3.39 17.88 14.72
N TRP D 28 3.35 17.16 13.60
CA TRP D 28 4.51 16.41 13.11
C TRP D 28 5.73 17.32 12.91
N GLY D 29 5.49 18.54 12.39
CA GLY D 29 6.57 19.51 12.21
C GLY D 29 7.04 19.63 10.77
N TRP D 30 6.09 19.87 9.86
CA TRP D 30 6.41 20.05 8.44
C TRP D 30 7.10 21.41 8.23
N ILE D 31 8.31 21.39 7.69
CA ILE D 31 9.05 22.61 7.41
C ILE D 31 8.56 23.21 6.09
N PRO D 32 7.96 24.40 6.09
CA PRO D 32 7.54 24.97 4.80
C PRO D 32 8.74 25.25 3.91
N VAL D 33 8.61 24.93 2.62
CA VAL D 33 9.71 25.08 1.66
C VAL D 33 9.20 25.57 0.31
N LYS D 34 10.11 26.19 -0.44
CA LYS D 34 9.78 26.80 -1.73
C LYS D 34 9.21 25.80 -2.72
N GLU D 35 9.74 24.57 -2.76
CA GLU D 35 9.27 23.54 -3.68
C GLU D 35 7.97 22.90 -3.22
N SER D 36 7.42 23.33 -2.09
CA SER D 36 6.19 22.80 -1.50
C SER D 36 6.34 21.41 -0.91
N SER D 37 6.82 20.44 -1.68
CA SER D 37 6.88 19.04 -1.26
C SER D 37 7.90 18.35 -2.14
N PRO D 38 8.64 17.36 -1.59
CA PRO D 38 8.62 16.91 -0.19
C PRO D 38 9.44 17.81 0.73
N THR D 39 9.45 17.49 2.02
CA THR D 39 10.13 18.33 2.99
C THR D 39 10.63 17.48 4.15
N LEU D 40 11.41 18.14 5.01
CA LEU D 40 12.00 17.55 6.19
C LEU D 40 11.22 17.93 7.44
N ARG D 41 11.55 17.25 8.55
CA ARG D 41 10.89 17.46 9.82
C ARG D 41 11.70 18.41 10.71
N TYR D 42 11.00 19.35 11.34
CA TYR D 42 11.65 20.17 12.36
C TYR D 42 12.22 19.26 13.45
N PRO D 43 13.39 19.57 13.99
CA PRO D 43 13.83 18.85 15.20
C PRO D 43 12.86 19.09 16.35
N TYR D 44 12.95 18.22 17.35
CA TYR D 44 11.98 18.25 18.45
C TYR D 44 11.90 19.61 19.13
N GLU D 45 13.04 20.27 19.38
CA GLU D 45 13.01 21.54 20.10
C GLU D 45 12.45 22.68 19.25
N GLN D 46 12.19 22.44 17.96
CA GLN D 46 11.58 23.41 17.08
C GLN D 46 10.15 23.04 16.72
N ARG D 47 9.63 21.96 17.31
CA ARG D 47 8.24 21.57 17.20
C ARG D 47 7.44 22.19 18.34
N TRP D 48 6.13 22.41 18.11
CA TRP D 48 5.37 22.97 19.22
C TRP D 48 5.37 22.02 20.40
N THR D 49 5.37 20.72 20.13
CA THR D 49 5.38 19.71 21.18
C THR D 49 6.62 19.82 22.04
N GLY D 50 7.80 19.95 21.42
CA GLY D 50 9.04 20.04 22.21
C GLY D 50 9.16 21.34 22.98
N ALA D 51 8.75 22.44 22.36
CA ALA D 51 8.73 23.72 23.06
C ALA D 51 7.75 23.71 24.22
N MET D 52 6.58 23.08 24.04
CA MET D 52 5.68 22.90 25.18
C MET D 52 6.36 22.06 26.26
N ALA D 53 7.02 20.97 25.86
CA ALA D 53 7.65 20.08 26.83
C ALA D 53 8.71 20.82 27.63
N ALA D 54 9.43 21.72 26.97
CA ALA D 54 10.51 22.43 27.65
C ALA D 54 9.95 23.39 28.69
N ARG D 55 8.85 24.08 28.38
CA ARG D 55 8.30 25.01 29.35
C ARG D 55 7.55 24.30 30.47
N LEU D 56 6.94 23.14 30.18
CA LEU D 56 6.27 22.39 31.22
C LEU D 56 7.26 21.80 32.23
N GLY D 57 8.40 21.29 31.77
CA GLY D 57 9.42 20.78 32.66
C GLY D 57 9.26 19.29 32.94
N ASP D 58 10.13 18.80 33.84
CA ASP D 58 10.30 17.35 33.98
C ASP D 58 9.19 16.68 34.77
N GLY D 59 8.19 17.42 35.22
CA GLY D 59 6.99 16.79 35.76
C GLY D 59 6.02 16.32 34.71
N TYR D 60 6.31 16.56 33.43
CA TYR D 60 5.43 16.17 32.35
C TYR D 60 6.17 15.29 31.36
N HIS D 61 5.43 14.34 30.78
CA HIS D 61 5.95 13.45 29.76
C HIS D 61 5.08 13.61 28.53
N ILE D 62 5.68 14.10 27.43
CA ILE D 62 4.97 14.37 26.18
C ILE D 62 5.07 13.16 25.25
N ILE D 63 3.94 12.81 24.64
CA ILE D 63 3.85 11.73 23.64
C ILE D 63 3.38 12.39 22.35
N GLU D 64 4.15 12.22 21.28
CA GLU D 64 3.84 12.83 20.00
C GLU D 64 3.09 11.84 19.11
N GLU D 65 1.91 12.26 18.59
CA GLU D 65 1.15 11.52 17.57
C GLU D 65 0.68 12.51 16.51
N GLY D 66 1.63 13.02 15.72
CA GLY D 66 1.36 13.92 14.62
C GLY D 66 1.55 13.20 13.29
N LEU D 67 0.59 13.36 12.39
CA LEU D 67 0.61 12.73 11.07
C LEU D 67 0.23 13.74 10.00
N SER D 68 1.14 13.98 9.06
CA SER D 68 0.84 14.89 7.97
C SER D 68 -0.39 14.41 7.22
N ALA D 69 -1.23 15.38 6.84
CA ALA D 69 -2.46 15.20 6.08
C ALA D 69 -3.61 14.59 6.88
N ARG D 70 -3.44 14.35 8.17
CA ARG D 70 -4.51 13.75 8.98
C ARG D 70 -5.75 14.64 9.08
N THR D 71 -6.93 14.03 8.97
CA THR D 71 -8.24 14.66 9.16
C THR D 71 -8.83 14.28 10.51
N THR D 72 -9.89 14.98 10.92
CA THR D 72 -10.60 14.57 12.14
C THR D 72 -11.21 13.18 11.98
N SER D 73 -12.04 12.99 10.95
CA SER D 73 -12.90 11.82 10.88
C SER D 73 -13.27 11.47 9.44
N LEU D 74 -12.40 11.82 8.48
CA LEU D 74 -12.65 11.60 7.06
C LEU D 74 -11.66 10.59 6.49
N ASP D 75 -12.16 9.73 5.61
CA ASP D 75 -11.28 8.86 4.81
C ASP D 75 -10.77 9.63 3.60
N ASP D 76 -9.44 9.74 3.47
CA ASP D 76 -8.86 10.44 2.34
C ASP D 76 -8.83 9.49 1.15
N PRO D 77 -9.26 9.93 -0.04
CA PRO D 77 -9.39 8.97 -1.15
C PRO D 77 -8.09 8.36 -1.60
N ASN D 78 -6.95 9.00 -1.33
CA ASN D 78 -5.67 8.53 -1.85
C ASN D 78 -4.81 7.86 -0.78
N ASP D 79 -5.23 7.84 0.47
CA ASP D 79 -4.33 7.43 1.55
C ASP D 79 -5.17 6.95 2.73
N ALA D 80 -5.11 5.64 3.00
CA ALA D 80 -5.89 5.02 4.08
C ALA D 80 -5.35 5.32 5.48
N ARG D 81 -4.25 6.05 5.63
CA ARG D 81 -3.68 6.33 6.94
C ARG D 81 -4.27 7.57 7.63
N LEU D 82 -5.14 8.33 6.97
CA LEU D 82 -5.31 9.72 7.35
C LEU D 82 -6.54 10.03 8.21
N ASN D 83 -7.42 9.09 8.48
CA ASN D 83 -8.59 9.36 9.32
C ASN D 83 -8.16 9.33 10.79
N GLY D 84 -8.16 10.50 11.44
CA GLY D 84 -7.73 10.57 12.83
C GLY D 84 -8.52 9.65 13.75
N SER D 85 -9.86 9.62 13.57
CA SER D 85 -10.74 8.83 14.43
C SER D 85 -10.56 7.32 14.26
N THR D 86 -10.00 6.88 13.14
CA THR D 86 -9.71 5.46 12.96
C THR D 86 -8.58 5.01 13.88
N TYR D 87 -7.63 5.90 14.17
CA TYR D 87 -6.39 5.63 14.90
C TYR D 87 -6.44 5.99 16.38
N LEU D 88 -7.23 6.99 16.75
CA LEU D 88 -7.11 7.52 18.11
C LEU D 88 -7.43 6.49 19.19
N PRO D 89 -8.49 5.69 19.10
CA PRO D 89 -8.73 4.70 20.17
C PRO D 89 -7.55 3.77 20.40
N MET D 90 -6.93 3.28 19.33
CA MET D 90 -5.74 2.45 19.49
C MET D 90 -4.61 3.23 20.15
N ALA D 91 -4.43 4.48 19.76
CA ALA D 91 -3.36 5.29 20.34
C ALA D 91 -3.59 5.53 21.82
N LEU D 92 -4.83 5.80 22.20
CA LEU D 92 -5.11 6.04 23.61
C LEU D 92 -4.78 4.81 24.45
N ALA D 93 -5.25 3.63 24.00
CA ALA D 93 -5.03 2.41 24.78
C ALA D 93 -3.56 2.07 24.85
N SER D 94 -2.78 2.45 23.84
CA SER D 94 -1.36 2.19 23.83
C SER D 94 -0.59 3.09 24.81
N HIS D 95 -1.17 4.21 25.23
CA HIS D 95 -0.41 5.19 25.99
C HIS D 95 -0.95 5.49 27.38
N LEU D 96 -2.02 4.83 27.81
CA LEU D 96 -2.47 4.97 29.19
C LEU D 96 -1.34 4.52 30.10
N PRO D 97 -1.22 5.16 31.27
CA PRO D 97 -2.04 6.22 31.84
C PRO D 97 -1.79 7.58 31.19
N LEU D 98 -2.85 8.34 30.97
CA LEU D 98 -2.78 9.65 30.34
C LEU D 98 -3.50 10.65 31.20
N ASP D 99 -2.91 11.83 31.35
CA ASP D 99 -3.55 12.88 32.11
C ASP D 99 -4.26 13.88 31.21
N LEU D 100 -3.80 14.02 29.97
CA LEU D 100 -4.36 15.03 29.07
C LEU D 100 -4.09 14.59 27.64
N VAL D 101 -5.09 14.81 26.78
CA VAL D 101 -4.96 14.66 25.34
C VAL D 101 -5.20 16.02 24.72
N ILE D 102 -4.20 16.54 23.99
CA ILE D 102 -4.32 17.78 23.22
C ILE D 102 -4.56 17.38 21.77
N ILE D 103 -5.62 17.91 21.16
CA ILE D 103 -5.97 17.60 19.79
C ILE D 103 -5.96 18.88 18.98
N MET D 104 -5.10 18.95 17.94
CA MET D 104 -5.08 20.09 17.03
C MET D 104 -5.28 19.53 15.64
N LEU D 105 -6.53 19.54 15.19
CA LEU D 105 -6.87 19.01 13.87
C LEU D 105 -8.01 19.83 13.29
N GLY D 106 -8.20 19.69 11.97
CA GLY D 106 -9.33 20.28 11.26
C GLY D 106 -8.92 20.98 9.98
N THR D 107 -7.69 21.44 9.92
CA THR D 107 -7.22 22.11 8.70
C THR D 107 -7.39 21.23 7.48
N ASN D 108 -7.03 19.94 7.59
CA ASN D 108 -7.10 19.12 6.40
C ASN D 108 -8.52 18.79 6.00
N ASP D 109 -9.46 18.85 6.96
CA ASP D 109 -10.86 18.64 6.59
C ASP D 109 -11.38 19.75 5.67
N THR D 110 -10.68 20.91 5.59
CA THR D 110 -11.11 22.01 4.74
C THR D 110 -10.65 21.86 3.28
N LYS D 111 -9.97 20.78 2.94
CA LYS D 111 -9.51 20.60 1.57
C LYS D 111 -10.70 20.51 0.60
N SER D 112 -10.44 20.97 -0.62
CA SER D 112 -11.50 21.12 -1.63
C SER D 112 -12.26 19.81 -1.85
N TYR D 113 -11.56 18.68 -1.96
CA TYR D 113 -12.19 17.41 -2.35
C TYR D 113 -12.98 16.74 -1.22
N PHE D 114 -12.94 17.26 0.00
CA PHE D 114 -13.77 16.73 1.08
C PHE D 114 -15.18 17.33 1.15
N HIS D 115 -15.37 18.57 0.71
CA HIS D 115 -16.70 19.18 0.66
C HIS D 115 -17.40 19.14 2.02
N ARG D 116 -16.66 19.42 3.09
CA ARG D 116 -17.20 19.44 4.44
C ARG D 116 -17.53 20.86 4.88
N THR D 117 -18.67 21.01 5.56
CA THR D 117 -18.99 22.29 6.19
C THR D 117 -18.19 22.50 7.47
N PRO D 118 -18.02 23.75 7.92
CA PRO D 118 -17.32 23.95 9.20
C PRO D 118 -17.97 23.20 10.36
N TYR D 119 -19.31 23.13 10.43
CA TYR D 119 -19.93 22.39 11.52
C TYR D 119 -19.57 20.91 11.47
N GLU D 120 -19.54 20.33 10.26
CA GLU D 120 -19.12 18.93 10.13
C GLU D 120 -17.70 18.72 10.62
N ILE D 121 -16.81 19.69 10.39
CA ILE D 121 -15.43 19.60 10.85
C ILE D 121 -15.38 19.61 12.37
N ALA D 122 -16.11 20.54 12.99
CA ALA D 122 -16.18 20.58 14.45
C ALA D 122 -16.83 19.30 15.00
N ASN D 123 -17.85 18.78 14.32
CA ASN D 123 -18.47 17.53 14.75
C ASN D 123 -17.48 16.37 14.65
N GLY D 124 -16.58 16.40 13.68
CA GLY D 124 -15.49 15.43 13.63
C GLY D 124 -14.53 15.56 14.79
N MET D 125 -14.17 16.79 15.14
CA MET D 125 -13.43 17.02 16.38
C MET D 125 -14.18 16.44 17.57
N GLY D 126 -15.51 16.60 17.58
CA GLY D 126 -16.30 16.07 18.67
C GLY D 126 -16.25 14.55 18.76
N LYS D 127 -16.12 13.88 17.60
CA LYS D 127 -15.99 12.44 17.62
C LYS D 127 -14.73 12.04 18.37
N LEU D 128 -13.64 12.77 18.10
CA LEU D 128 -12.37 12.51 18.75
C LEU D 128 -12.44 12.79 20.25
N VAL D 129 -13.05 13.92 20.64
CA VAL D 129 -13.22 14.22 22.06
C VAL D 129 -13.94 13.08 22.76
N GLY D 130 -15.01 12.59 22.14
CA GLY D 130 -15.76 11.49 22.74
C GLY D 130 -14.93 10.23 22.89
N GLN D 131 -14.05 9.96 21.92
CA GLN D 131 -13.18 8.80 22.01
C GLN D 131 -12.25 8.90 23.22
N VAL D 132 -11.77 10.11 23.51
CA VAL D 132 -10.96 10.30 24.71
C VAL D 132 -11.81 10.11 25.95
N LEU D 133 -12.99 10.76 26.00
CA LEU D 133 -13.80 10.74 27.21
C LEU D 133 -14.28 9.34 27.57
N THR D 134 -14.39 8.43 26.61
CA THR D 134 -14.90 7.09 26.90
C THR D 134 -13.81 6.03 26.96
N CYS D 135 -12.54 6.43 26.97
CA CYS D 135 -11.44 5.47 26.85
C CYS D 135 -11.00 4.83 28.16
N ALA D 136 -11.62 5.16 29.30
CA ALA D 136 -11.14 4.67 30.58
C ALA D 136 -10.96 3.16 30.54
N GLY D 137 -9.88 2.70 31.18
CA GLY D 137 -9.58 1.29 31.29
C GLY D 137 -8.66 0.77 30.21
N GLY D 138 -8.72 1.33 29.01
CA GLY D 138 -7.88 0.83 27.93
C GLY D 138 -8.13 -0.65 27.71
N VAL D 139 -7.05 -1.43 27.65
CA VAL D 139 -7.09 -2.89 27.61
C VAL D 139 -6.64 -3.40 28.98
N GLY D 140 -7.59 -3.74 29.83
CA GLY D 140 -7.29 -4.39 31.11
C GLY D 140 -6.57 -3.54 32.16
N THR D 141 -6.91 -2.26 32.27
CA THR D 141 -6.31 -1.41 33.29
C THR D 141 -7.39 -0.71 34.08
N PRO D 142 -7.06 -0.18 35.27
CA PRO D 142 -8.03 0.62 36.02
C PRO D 142 -7.85 2.12 35.79
N TYR D 143 -7.13 2.50 34.74
CA TYR D 143 -6.77 3.91 34.60
C TYR D 143 -7.98 4.72 34.12
N PRO D 144 -8.10 5.97 34.55
CA PRO D 144 -9.24 6.79 34.15
C PRO D 144 -9.03 7.52 32.82
N ALA D 145 -10.13 8.05 32.31
CA ALA D 145 -10.08 8.85 31.10
C ALA D 145 -9.33 10.16 31.38
N PRO D 146 -8.49 10.61 30.47
CA PRO D 146 -7.77 11.87 30.66
C PRO D 146 -8.66 13.07 30.35
N LYS D 147 -8.17 14.24 30.74
CA LYS D 147 -8.77 15.49 30.29
C LYS D 147 -8.49 15.69 28.80
N VAL D 148 -9.21 16.64 28.20
CA VAL D 148 -9.09 16.97 26.78
C VAL D 148 -8.87 18.47 26.61
N LEU D 149 -7.90 18.83 25.75
CA LEU D 149 -7.73 20.21 25.31
C LEU D 149 -7.92 20.23 23.80
N VAL D 150 -9.01 20.86 23.36
CA VAL D 150 -9.27 21.08 21.94
C VAL D 150 -8.54 22.36 21.52
N VAL D 151 -7.72 22.27 20.46
CA VAL D 151 -6.99 23.41 19.92
C VAL D 151 -7.49 23.72 18.51
N ALA D 152 -8.01 24.94 18.32
CA ALA D 152 -8.33 25.41 16.98
C ALA D 152 -7.04 25.87 16.29
N PRO D 153 -6.76 25.35 15.09
CA PRO D 153 -5.55 25.78 14.37
C PRO D 153 -5.75 27.18 13.82
N PRO D 154 -4.66 27.90 13.54
CA PRO D 154 -4.81 29.23 12.96
C PRO D 154 -5.37 29.15 11.54
N PRO D 155 -6.06 30.20 11.07
CA PRO D 155 -6.57 30.20 9.69
C PRO D 155 -5.47 30.05 8.65
N LEU D 156 -5.85 29.51 7.49
CA LEU D 156 -4.96 29.40 6.34
C LEU D 156 -4.54 30.79 5.84
N ALA D 157 -3.51 30.80 4.99
CA ALA D 157 -2.92 32.01 4.44
C ALA D 157 -2.66 31.85 2.94
N PRO D 158 -2.23 32.90 2.24
CA PRO D 158 -2.06 32.79 0.79
C PRO D 158 -1.07 31.71 0.40
N MET D 159 -1.40 30.97 -0.65
N MET D 159 -1.39 31.00 -0.67
CA MET D 159 -0.60 29.82 -1.08
CA MET D 159 -0.62 29.83 -1.09
C MET D 159 -0.03 30.08 -2.47
C MET D 159 -0.04 30.05 -2.48
N PRO D 160 1.28 30.30 -2.62
CA PRO D 160 1.82 30.59 -3.95
C PRO D 160 1.95 29.37 -4.86
N ASP D 161 1.84 28.14 -4.34
CA ASP D 161 1.94 26.96 -5.17
C ASP D 161 0.56 26.60 -5.71
N PRO D 162 0.38 26.48 -7.04
CA PRO D 162 -0.97 26.22 -7.55
C PRO D 162 -1.54 24.88 -7.12
N TRP D 163 -0.71 23.87 -6.85
CA TRP D 163 -1.26 22.60 -6.40
C TRP D 163 -1.84 22.74 -4.99
N PHE D 164 -1.14 23.43 -4.09
CA PHE D 164 -1.70 23.67 -2.76
C PHE D 164 -2.92 24.55 -2.84
N GLU D 165 -2.91 25.56 -3.72
CA GLU D 165 -4.11 26.40 -3.85
C GLU D 165 -5.33 25.57 -4.26
N GLY D 166 -5.17 24.68 -5.23
CA GLY D 166 -6.29 23.81 -5.59
C GLY D 166 -6.67 22.87 -4.46
N MET D 167 -5.68 22.34 -3.77
CA MET D 167 -5.91 21.40 -2.65
C MET D 167 -6.81 22.03 -1.59
N PHE D 168 -6.65 23.33 -1.34
CA PHE D 168 -7.36 24.01 -0.26
C PHE D 168 -8.41 24.99 -0.78
N GLY D 169 -8.85 24.82 -2.03
CA GLY D 169 -9.92 25.66 -2.57
C GLY D 169 -11.14 25.63 -1.68
N GLY D 170 -11.64 26.81 -1.33
CA GLY D 170 -12.73 26.96 -0.40
C GLY D 170 -12.37 26.77 1.06
N GLY D 171 -11.13 26.41 1.38
CA GLY D 171 -10.78 26.04 2.73
C GLY D 171 -10.48 27.21 3.65
N TYR D 172 -9.92 28.29 3.10
CA TYR D 172 -9.62 29.46 3.94
C TYR D 172 -10.86 29.95 4.68
N GLU D 173 -11.97 30.14 3.99
CA GLU D 173 -13.15 30.66 4.66
C GLU D 173 -13.61 29.70 5.77
N LYS D 174 -13.52 28.39 5.52
CA LYS D 174 -13.91 27.41 6.54
C LYS D 174 -12.97 27.46 7.73
N SER D 175 -11.67 27.66 7.45
CA SER D 175 -10.67 27.73 8.50
C SER D 175 -10.90 28.89 9.45
N LYS D 176 -11.52 29.97 8.97
CA LYS D 176 -11.81 31.12 9.84
C LYS D 176 -12.95 30.85 10.80
N GLU D 177 -13.80 29.85 10.51
CA GLU D 177 -14.94 29.52 11.36
C GLU D 177 -14.64 28.47 12.43
N LEU D 178 -13.51 27.78 12.35
CA LEU D 178 -13.30 26.64 13.24
C LEU D 178 -13.16 27.07 14.70
N SER D 179 -12.51 28.21 14.97
CA SER D 179 -12.27 28.58 16.36
C SER D 179 -13.57 28.76 17.13
N GLY D 180 -14.50 29.53 16.56
CA GLY D 180 -15.78 29.73 17.24
C GLY D 180 -16.53 28.43 17.45
N LEU D 181 -16.51 27.55 16.46
CA LEU D 181 -17.25 26.30 16.59
C LEU D 181 -16.59 25.32 17.56
N TYR D 182 -15.25 25.28 17.59
CA TYR D 182 -14.54 24.46 18.55
C TYR D 182 -14.79 24.94 19.98
N LYS D 183 -14.84 26.26 20.20
CA LYS D 183 -15.17 26.76 21.53
C LYS D 183 -16.56 26.28 21.94
N ALA D 184 -17.53 26.33 21.01
CA ALA D 184 -18.88 25.90 21.35
C ALA D 184 -18.92 24.40 21.65
N LEU D 185 -18.21 23.60 20.84
CA LEU D 185 -18.07 22.17 21.08
C LEU D 185 -17.51 21.89 22.48
N ALA D 186 -16.40 22.55 22.80
CA ALA D 186 -15.72 22.29 24.07
C ALA D 186 -16.60 22.65 25.25
N ASP D 187 -17.33 23.77 25.16
CA ASP D 187 -18.24 24.12 26.24
C ASP D 187 -19.32 23.06 26.39
N PHE D 188 -19.82 22.54 25.26
CA PHE D 188 -20.91 21.56 25.27
C PHE D 188 -20.46 20.24 25.89
N MET D 189 -19.29 19.77 25.50
CA MET D 189 -18.74 18.51 25.97
C MET D 189 -17.98 18.65 27.28
N LYS D 190 -17.81 19.88 27.79
CA LYS D 190 -17.27 20.13 29.12
C LYS D 190 -15.79 19.79 29.19
N VAL D 191 -15.07 20.15 28.12
CA VAL D 191 -13.62 19.99 28.05
C VAL D 191 -12.96 21.34 27.83
N GLU D 192 -11.63 21.34 27.71
CA GLU D 192 -10.85 22.58 27.62
C GLU D 192 -10.65 23.00 26.17
N PHE D 193 -10.34 24.29 25.98
CA PHE D 193 -10.26 24.88 24.65
C PHE D 193 -9.14 25.93 24.60
N PHE D 194 -8.37 25.94 23.51
CA PHE D 194 -7.39 26.99 23.23
C PHE D 194 -7.50 27.39 21.77
N ALA D 195 -7.65 28.69 21.53
CA ALA D 195 -7.67 29.28 20.19
C ALA D 195 -6.24 29.65 19.78
N ALA D 196 -5.61 28.83 18.92
CA ALA D 196 -4.23 29.11 18.54
C ALA D 196 -4.11 30.42 17.77
N GLY D 197 -5.16 30.79 17.04
CA GLY D 197 -5.14 32.00 16.22
C GLY D 197 -5.08 33.29 17.00
N ASP D 198 -5.33 33.25 18.31
CA ASP D 198 -5.09 34.45 19.11
C ASP D 198 -3.62 34.71 19.34
N CYS D 199 -2.77 33.68 19.18
CA CYS D 199 -1.37 33.77 19.55
C CYS D 199 -0.42 33.67 18.38
N ILE D 200 -0.82 32.99 17.31
CA ILE D 200 0.04 32.78 16.15
C ILE D 200 -0.78 32.95 14.88
N SER D 201 -0.06 33.07 13.78
N SER D 201 -0.06 33.06 13.77
CA SER D 201 -0.65 33.02 12.45
CA SER D 201 -0.63 33.04 12.44
C SER D 201 0.10 31.98 11.63
C SER D 201 0.11 31.98 11.62
N THR D 202 -0.50 31.61 10.50
CA THR D 202 0.10 30.64 9.59
C THR D 202 1.11 31.43 8.77
N ASP D 203 2.38 31.33 9.16
CA ASP D 203 3.43 32.18 8.63
C ASP D 203 4.37 31.51 7.66
N GLY D 204 4.18 30.21 7.36
CA GLY D 204 5.07 29.55 6.42
C GLY D 204 4.89 30.04 5.00
N ILE D 205 5.96 29.91 4.20
CA ILE D 205 5.92 30.39 2.83
C ILE D 205 4.83 29.72 1.99
N ASP D 206 4.41 28.51 2.36
CA ASP D 206 3.40 27.81 1.58
C ASP D 206 1.97 28.17 1.95
N GLY D 207 1.77 29.01 2.96
CA GLY D 207 0.43 29.39 3.35
C GLY D 207 -0.31 28.37 4.20
N ILE D 208 0.35 27.30 4.61
CA ILE D 208 -0.26 26.19 5.34
C ILE D 208 0.50 25.87 6.62
N HIS D 209 1.83 25.85 6.55
CA HIS D 209 2.64 25.38 7.66
C HIS D 209 3.29 26.56 8.38
N LEU D 210 4.08 26.24 9.40
CA LEU D 210 4.54 27.22 10.37
C LEU D 210 6.06 27.29 10.44
N SER D 211 6.57 28.46 10.81
CA SER D 211 7.99 28.66 11.08
C SER D 211 8.35 28.05 12.44
N ALA D 212 9.64 27.80 12.64
CA ALA D 212 10.13 27.35 13.92
C ALA D 212 9.80 28.35 15.02
N GLU D 213 10.03 29.65 14.75
CA GLU D 213 9.74 30.63 15.79
C GLU D 213 8.27 30.57 16.20
N THR D 214 7.36 30.36 15.23
CA THR D 214 5.93 30.27 15.53
C THR D 214 5.57 28.97 16.26
N ASN D 215 6.20 27.84 15.89
CA ASN D 215 5.98 26.61 16.65
C ASN D 215 6.33 26.80 18.12
N ILE D 216 7.45 27.47 18.39
CA ILE D 216 7.94 27.64 19.76
C ILE D 216 7.00 28.56 20.54
N ARG D 217 6.54 29.65 19.91
CA ARG D 217 5.53 30.50 20.53
C ARG D 217 4.25 29.73 20.84
N LEU D 218 3.80 28.89 19.91
CA LEU D 218 2.58 28.11 20.14
C LEU D 218 2.76 27.16 21.32
N GLY D 219 3.86 26.43 21.33
CA GLY D 219 4.06 25.45 22.39
C GLY D 219 4.19 26.10 23.75
N HIS D 220 4.85 27.25 23.82
CA HIS D 220 4.92 27.97 25.09
C HIS D 220 3.53 28.39 25.55
N ALA D 221 2.70 28.86 24.61
CA ALA D 221 1.36 29.30 24.96
C ALA D 221 0.50 28.12 25.42
N ILE D 222 0.63 26.97 24.75
CA ILE D 222 -0.12 25.79 25.16
C ILE D 222 0.37 25.31 26.52
N ALA D 223 1.69 25.33 26.73
CA ALA D 223 2.22 24.95 28.04
C ALA D 223 1.61 25.79 29.14
N ASP D 224 1.50 27.11 28.95
CA ASP D 224 0.89 27.93 29.99
C ASP D 224 -0.53 27.47 30.29
N LYS D 225 -1.27 27.14 29.22
CA LYS D 225 -2.63 26.65 29.38
C LYS D 225 -2.66 25.31 30.12
N VAL D 226 -1.76 24.39 29.78
CA VAL D 226 -1.74 23.08 30.40
C VAL D 226 -1.41 23.19 31.89
N ALA D 227 -0.39 23.98 32.22
CA ALA D 227 0.02 24.13 33.62
C ALA D 227 -1.15 24.58 34.49
N ALA D 228 -2.00 25.44 33.96
CA ALA D 228 -3.10 25.97 34.75
C ALA D 228 -4.20 24.95 34.98
N LEU D 229 -4.21 23.86 34.21
CA LEU D 229 -5.13 22.77 34.45
C LEU D 229 -4.69 21.87 35.59
N PHE D 230 -3.40 21.84 35.90
CA PHE D 230 -2.86 21.00 36.97
C PHE D 230 -2.15 21.84 38.03
#